data_3O82
#
_entry.id   3O82
#
_cell.length_a   65.447
_cell.length_b   145.259
_cell.length_c   149.063
_cell.angle_alpha   90.00
_cell.angle_beta   90.00
_cell.angle_gamma   90.00
#
_symmetry.space_group_name_H-M   'P 21 21 21'
#
loop_
_entity.id
_entity.type
_entity.pdbx_description
1 polymer 'Peptide arylation enzyme'
2 non-polymer "5'-O-{[(2,3-dihydroxyphenyl)carbonyl]sulfamoyl}adenosine"
3 non-polymer 'CALCIUM ION'
4 water water
#
_entity_poly.entity_id   1
_entity_poly.type   'polypeptide(L)'
_entity_poly.pdbx_seq_one_letter_code
;GHMKKQLIEFVRWSPERAQHYRNKGYWIDQPLTRILTVGVQSHPHSLAIICGERQLSYIELDRLSTNLATRLAEKGLGKG
DTALVQLPNVAEFYIVFFALLKAGVVVLNALYSHRQYELNAFIKQIQPKLLIGSRQHEVFSNNQFIDSLHDVNLSPEIIL
MLNHQATDFGLLDWIETPAETFVDFSSTPADEVAFFQLSGGSTGTPKLIPRTHNDYDYSVRASAEICGLNSNTRLLCALP
APHNFMLSSPGALGVLHAGGCVVMAPNPEPLNCFSIIQRHQVNMASLVPSAVIMWLEKAAQYKDQIQSLKLLQVGGASFP
ESLARQVPEVLNCKLQQVFGMAEGLVNYTRLDDSDEQIFTTQGRPISSDDEIKIVDEQYREVPEGEIGMLATRGPYTFCG
YYQSPEHNSQVFDEDNYYYSGDLVQRTPDGNLRVVGRIKDQINRGGEKIASEEIEKLILLHPEVMHAALVAIVDEQFGEK
SCAFIVSRNPELKAVVLRRHLMELGIAQYKLPDQIKLIESLPLTAVGKVDKKQLRSILNTSTTS
;
_entity_poly.pdbx_strand_id   A,B
#
loop_
_chem_comp.id
_chem_comp.type
_chem_comp.name
_chem_comp.formula
CA non-polymer 'CALCIUM ION' 'Ca 2'
HP8 non-polymer 5'-O-{[(2,3-dihydroxyphenyl)carbonyl]sulfamoyl}adenosine 'C17 H18 N6 O9 S'
#
# COMPACT_ATOMS: atom_id res chain seq x y z
N LYS A 5 -7.11 34.37 16.85
CA LYS A 5 -7.64 34.28 18.26
C LYS A 5 -8.31 32.91 18.59
N GLN A 6 -9.14 32.35 17.69
CA GLN A 6 -9.78 31.06 17.99
C GLN A 6 -8.83 29.83 17.76
N LEU A 7 -8.53 29.08 18.83
CA LEU A 7 -7.72 27.86 18.74
C LEU A 7 -8.50 26.79 18.00
N ILE A 8 -7.79 25.85 17.36
CA ILE A 8 -8.35 24.77 16.59
C ILE A 8 -9.34 23.92 17.41
N GLU A 9 -10.45 23.56 16.80
CA GLU A 9 -11.49 22.82 17.48
C GLU A 9 -11.14 21.34 17.46
N PHE A 10 -11.45 20.68 18.56
CA PHE A 10 -11.40 19.24 18.67
C PHE A 10 -12.51 18.71 19.63
N VAL A 11 -12.62 17.40 19.77
CA VAL A 11 -13.55 16.86 20.74
C VAL A 11 -12.79 16.56 22.01
N ARG A 12 -13.28 17.04 23.15
CA ARG A 12 -12.53 16.94 24.41
C ARG A 12 -12.90 15.69 25.14
N TRP A 13 -12.02 15.27 26.05
CA TRP A 13 -12.35 14.25 27.03
C TRP A 13 -13.38 14.85 27.97
N SER A 14 -14.08 14.02 28.72
CA SER A 14 -14.98 14.55 29.71
C SER A 14 -14.13 15.15 30.85
N PRO A 15 -14.66 16.14 31.61
CA PRO A 15 -13.84 16.63 32.73
C PRO A 15 -13.54 15.57 33.79
N GLU A 16 -14.46 14.62 34.01
CA GLU A 16 -14.21 13.50 34.94
C GLU A 16 -12.89 12.81 34.56
N ARG A 17 -12.75 12.56 33.26
CA ARG A 17 -11.59 11.85 32.71
C ARG A 17 -10.33 12.71 32.76
N ALA A 18 -10.45 13.97 32.32
CA ALA A 18 -9.36 14.95 32.43
C ALA A 18 -8.77 14.98 33.85
N GLN A 19 -9.67 15.04 34.83
CA GLN A 19 -9.24 15.09 36.19
C GLN A 19 -8.54 13.80 36.61
N HIS A 20 -9.14 12.65 36.31
CA HIS A 20 -8.52 11.38 36.60
C HIS A 20 -7.13 11.34 35.98
N TYR A 21 -7.00 11.78 34.72
CA TYR A 21 -5.69 11.65 34.04
C TYR A 21 -4.66 12.61 34.61
N ARG A 22 -5.06 13.75 35.16
CA ARG A 22 -4.08 14.59 35.92
C ARG A 22 -3.74 13.95 37.23
N ASN A 23 -4.75 13.43 37.93
CA ASN A 23 -4.57 12.75 39.24
C ASN A 23 -3.55 11.60 39.23
N LYS A 24 -3.58 10.76 38.19
CA LYS A 24 -2.63 9.67 38.05
C LYS A 24 -1.30 10.15 37.48
N GLY A 25 -1.13 11.45 37.26
CA GLY A 25 0.11 11.96 36.68
C GLY A 25 0.33 11.68 35.19
N TYR A 26 -0.68 11.20 34.48
CA TYR A 26 -0.52 11.00 33.03
C TYR A 26 -0.36 12.32 32.31
N TRP A 27 -1.35 13.21 32.51
CA TRP A 27 -1.37 14.57 31.98
C TRP A 27 -0.68 15.52 32.98
N ILE A 28 0.53 15.97 32.65
CA ILE A 28 1.26 16.89 33.48
C ILE A 28 1.20 18.37 33.06
N ASP A 29 0.37 18.65 32.07
CA ASP A 29 0.15 20.01 31.53
C ASP A 29 1.40 20.82 31.10
N GLN A 30 2.44 20.16 30.60
CA GLN A 30 3.55 20.79 29.84
C GLN A 30 3.34 20.71 28.31
N PRO A 31 3.87 21.70 27.55
CA PRO A 31 3.90 21.56 26.08
C PRO A 31 4.89 20.47 25.68
N LEU A 32 4.64 19.80 24.53
CA LEU A 32 5.64 18.88 23.91
C LEU A 32 7.05 19.41 23.87
N THR A 33 7.24 20.71 23.76
CA THR A 33 8.61 21.22 23.82
C THR A 33 9.35 20.82 25.14
N ARG A 34 8.63 20.43 26.19
CA ARG A 34 9.24 19.99 27.47
C ARG A 34 10.43 19.06 27.19
N ILE A 35 10.19 18.09 26.30
CA ILE A 35 11.23 17.17 25.82
C ILE A 35 12.56 17.85 25.56
N LEU A 36 12.53 18.92 24.79
CA LEU A 36 13.67 19.73 24.43
C LEU A 36 14.22 20.64 25.55
N THR A 37 13.35 21.41 26.20
CA THR A 37 13.77 22.31 27.29
C THR A 37 14.49 21.53 28.39
N VAL A 38 13.91 20.41 28.81
CA VAL A 38 14.52 19.57 29.82
C VAL A 38 15.83 19.04 29.30
N GLY A 39 15.87 18.65 28.04
CA GLY A 39 17.07 18.06 27.50
C GLY A 39 18.22 19.05 27.53
N VAL A 40 17.94 20.28 27.12
CA VAL A 40 18.89 21.37 27.21
C VAL A 40 19.41 21.64 28.63
N GLN A 41 18.60 21.48 29.65
CA GLN A 41 19.04 21.77 31.00
C GLN A 41 19.98 20.71 31.56
N SER A 42 19.79 19.43 31.16
CA SER A 42 20.60 18.30 31.68
C SER A 42 21.85 17.97 30.88
N HIS A 43 21.73 17.98 29.56
CA HIS A 43 22.80 17.52 28.68
C HIS A 43 22.73 18.31 27.38
N PRO A 44 23.00 19.63 27.44
CA PRO A 44 22.92 20.49 26.26
C PRO A 44 23.79 20.01 25.08
N HIS A 45 24.93 19.35 25.36
CA HIS A 45 25.84 18.94 24.30
C HIS A 45 25.80 17.46 23.86
N SER A 46 24.92 16.65 24.44
CA SER A 46 24.61 15.31 23.91
C SER A 46 24.02 15.37 22.51
N LEU A 47 24.21 14.29 21.77
CA LEU A 47 23.71 14.25 20.42
C LEU A 47 22.23 13.97 20.48
N ALA A 48 21.45 14.81 19.78
CA ALA A 48 20.03 14.57 19.59
C ALA A 48 19.74 13.98 18.22
N ILE A 49 20.41 14.50 17.18
CA ILE A 49 20.22 13.97 15.83
C ILE A 49 21.48 13.67 15.08
N ILE A 50 21.51 12.49 14.45
CA ILE A 50 22.59 12.14 13.53
C ILE A 50 21.96 11.92 12.16
N CYS A 51 22.42 12.68 11.19
CA CYS A 51 21.89 12.67 9.81
C CYS A 51 23.09 12.70 8.88
N GLY A 52 23.52 11.52 8.44
CA GLY A 52 24.70 11.34 7.62
C GLY A 52 25.94 11.79 8.36
N GLU A 53 26.47 12.95 7.93
CA GLU A 53 27.69 13.53 8.48
C GLU A 53 27.43 14.44 9.67
N ARG A 54 26.31 15.15 9.61
CA ARG A 54 25.85 16.04 10.65
C ARG A 54 25.56 15.41 12.00
N GLN A 55 25.83 16.21 13.02
CA GLN A 55 25.44 15.92 14.37
C GLN A 55 24.82 17.17 14.97
N LEU A 56 23.55 17.05 15.40
CA LEU A 56 22.86 18.10 16.17
C LEU A 56 22.77 17.77 17.62
N SER A 57 23.31 18.62 18.46
CA SER A 57 23.18 18.40 19.89
C SER A 57 21.79 18.87 20.33
N TYR A 58 21.43 18.63 21.58
CA TYR A 58 20.16 19.12 22.08
C TYR A 58 20.06 20.64 22.01
N ILE A 59 21.13 21.33 22.42
CA ILE A 59 21.09 22.80 22.35
C ILE A 59 21.19 23.32 20.94
N GLU A 60 21.88 22.59 20.07
CA GLU A 60 21.81 22.96 18.66
C GLU A 60 20.38 22.81 18.15
N LEU A 61 19.71 21.72 18.53
CA LEU A 61 18.34 21.49 18.13
C LEU A 61 17.39 22.54 18.73
N ASP A 62 17.60 22.89 19.97
CA ASP A 62 16.80 23.92 20.61
C ASP A 62 17.03 25.27 19.94
N ARG A 63 18.28 25.70 19.79
CA ARG A 63 18.58 26.96 19.08
C ARG A 63 18.02 27.04 17.68
N LEU A 64 18.29 26.05 16.83
CA LEU A 64 17.76 26.13 15.47
C LEU A 64 16.25 26.21 15.41
N SER A 65 15.56 25.52 16.32
CA SER A 65 14.10 25.52 16.27
C SER A 65 13.54 26.79 16.89
N THR A 66 14.24 27.35 17.86
CA THR A 66 13.91 28.72 18.27
C THR A 66 14.06 29.71 17.08
N ASN A 67 15.21 29.74 16.38
CA ASN A 67 15.36 30.62 15.22
C ASN A 67 14.13 30.59 14.36
N LEU A 68 13.73 29.41 13.88
CA LEU A 68 12.62 29.36 12.94
C LEU A 68 11.32 29.86 13.55
N ALA A 69 11.12 29.61 14.83
CA ALA A 69 9.86 30.01 15.48
C ALA A 69 9.78 31.51 15.55
N THR A 70 10.89 32.17 15.91
CA THR A 70 10.92 33.64 15.99
C THR A 70 10.69 34.19 14.61
N ARG A 71 11.31 33.57 13.64
CA ARG A 71 11.15 33.94 12.27
C ARG A 71 9.70 33.84 11.75
N LEU A 72 8.92 32.84 12.19
CA LEU A 72 7.52 32.67 11.76
C LEU A 72 6.57 33.62 12.49
N ALA A 73 6.87 33.93 13.74
CA ALA A 73 6.05 34.85 14.51
C ALA A 73 6.22 36.27 13.94
N GLU A 74 7.43 36.60 13.51
CA GLU A 74 7.72 37.89 12.90
C GLU A 74 6.71 38.15 11.80
N LYS A 75 6.34 37.10 11.09
CA LYS A 75 5.32 37.20 10.04
C LYS A 75 3.91 36.92 10.54
N GLY A 76 3.74 36.93 11.85
CA GLY A 76 2.39 36.89 12.43
C GLY A 76 1.62 35.60 12.31
N LEU A 77 2.33 34.47 12.20
CA LEU A 77 1.76 33.14 12.33
C LEU A 77 1.89 32.67 13.75
N GLY A 78 0.81 32.16 14.31
CA GLY A 78 0.84 31.74 15.71
C GLY A 78 -0.45 31.06 16.11
N LYS A 79 -0.84 31.25 17.36
CA LYS A 79 -2.03 30.59 17.92
C LYS A 79 -3.24 30.84 17.03
N GLY A 80 -3.89 29.77 16.57
CA GLY A 80 -4.99 29.94 15.65
C GLY A 80 -4.65 29.48 14.24
N ASP A 81 -3.39 29.64 13.85
CA ASP A 81 -2.95 29.23 12.52
C ASP A 81 -2.69 27.74 12.40
N THR A 82 -2.68 27.22 11.16
CA THR A 82 -2.29 25.83 10.91
C THR A 82 -1.23 25.83 9.84
N ALA A 83 -0.55 24.70 9.72
CA ALA A 83 0.57 24.57 8.79
C ALA A 83 0.66 23.17 8.25
N LEU A 84 1.05 23.07 6.99
CA LEU A 84 1.21 21.80 6.30
C LEU A 84 2.69 21.62 6.03
N VAL A 85 3.26 20.54 6.55
CA VAL A 85 4.70 20.30 6.37
C VAL A 85 4.92 19.01 5.63
N GLN A 86 5.75 19.01 4.59
CA GLN A 86 6.09 17.75 3.95
C GLN A 86 7.58 17.67 3.76
N LEU A 87 8.22 16.82 4.54
CA LEU A 87 9.68 16.79 4.56
C LEU A 87 10.16 15.37 4.64
N PRO A 88 11.29 15.07 3.95
CA PRO A 88 11.83 13.71 4.01
C PRO A 88 12.53 13.46 5.36
N ASN A 89 13.12 12.29 5.52
CA ASN A 89 13.78 11.91 6.76
C ASN A 89 15.10 12.61 6.98
N VAL A 90 15.06 13.88 7.31
CA VAL A 90 16.29 14.61 7.53
C VAL A 90 16.06 15.43 8.75
N ALA A 91 17.14 15.89 9.36
CA ALA A 91 17.04 16.59 10.65
C ALA A 91 16.06 17.74 10.61
N GLU A 92 15.90 18.33 9.43
CA GLU A 92 15.08 19.55 9.34
C GLU A 92 13.67 19.26 9.76
N PHE A 93 13.21 18.02 9.57
CA PHE A 93 11.87 17.62 9.98
C PHE A 93 11.62 17.98 11.45
N TYR A 94 12.51 17.54 12.34
CA TYR A 94 12.37 17.79 13.78
C TYR A 94 12.52 19.23 14.13
N ILE A 95 13.52 19.91 13.53
CA ILE A 95 13.70 21.35 13.71
C ILE A 95 12.39 22.07 13.43
N VAL A 96 11.79 21.73 12.30
CA VAL A 96 10.53 22.30 11.93
C VAL A 96 9.42 21.95 12.94
N PHE A 97 9.35 20.67 13.36
CA PHE A 97 8.27 20.21 14.23
C PHE A 97 8.34 20.95 15.55
N PHE A 98 9.54 21.00 16.12
CA PHE A 98 9.73 21.83 17.31
C PHE A 98 9.44 23.30 17.06
N ALA A 99 9.88 23.84 15.92
CA ALA A 99 9.61 25.26 15.64
C ALA A 99 8.11 25.54 15.74
N LEU A 100 7.30 24.74 15.09
CA LEU A 100 5.87 24.98 15.09
C LEU A 100 5.26 24.77 16.48
N LEU A 101 5.77 23.78 17.21
CA LEU A 101 5.31 23.57 18.59
C LEU A 101 5.59 24.81 19.46
N LYS A 102 6.73 25.46 19.21
CA LYS A 102 7.13 26.63 19.98
C LYS A 102 6.31 27.84 19.54
N ALA A 103 6.12 27.95 18.24
CA ALA A 103 5.35 29.03 17.68
C ALA A 103 3.86 29.06 18.09
N GLY A 104 3.30 27.89 18.41
CA GLY A 104 1.85 27.74 18.63
C GLY A 104 1.11 27.44 17.34
N VAL A 105 1.85 27.08 16.32
CA VAL A 105 1.21 26.73 15.06
C VAL A 105 0.90 25.23 15.04
N VAL A 106 -0.39 24.89 14.94
CA VAL A 106 -0.85 23.50 14.86
C VAL A 106 -0.44 22.92 13.52
N VAL A 107 0.44 21.92 13.51
CA VAL A 107 0.90 21.32 12.25
C VAL A 107 0.29 19.98 11.90
N LEU A 108 0.01 19.79 10.61
CA LEU A 108 -0.21 18.48 10.02
C LEU A 108 1.05 18.17 9.25
N ASN A 109 1.67 17.02 9.55
CA ASN A 109 2.86 16.50 8.85
C ASN A 109 2.50 15.47 7.81
N ALA A 110 2.60 15.85 6.55
CA ALA A 110 2.27 14.92 5.46
C ALA A 110 3.37 13.86 5.31
N LEU A 111 3.00 12.66 4.89
CA LEU A 111 4.02 11.70 4.46
C LEU A 111 4.71 12.23 3.19
N TYR A 112 6.04 12.09 3.07
CA TYR A 112 6.73 12.36 1.79
C TYR A 112 6.16 11.55 0.60
N SER A 113 5.46 10.43 0.83
CA SER A 113 4.95 9.64 -0.27
C SER A 113 3.61 10.16 -0.78
N HIS A 114 3.00 11.04 0.00
CA HIS A 114 1.74 11.70 -0.36
C HIS A 114 1.91 12.59 -1.59
N ARG A 115 0.95 12.53 -2.53
CA ARG A 115 1.07 13.31 -3.77
C ARG A 115 -0.03 14.38 -3.78
N GLN A 116 -0.10 15.16 -4.87
CA GLN A 116 -1.07 16.28 -5.04
C GLN A 116 -2.39 15.98 -4.43
N TYR A 117 -2.88 14.79 -4.70
CA TYR A 117 -4.23 14.47 -4.35
C TYR A 117 -4.48 14.63 -2.81
N GLU A 118 -3.56 14.12 -2.01
CA GLU A 118 -3.66 14.17 -0.57
C GLU A 118 -3.34 15.56 -0.03
N LEU A 119 -2.23 16.13 -0.46
CA LEU A 119 -1.86 17.51 -0.10
C LEU A 119 -2.98 18.49 -0.34
N ASN A 120 -3.71 18.32 -1.44
CA ASN A 120 -4.80 19.18 -1.79
C ASN A 120 -5.86 19.07 -0.72
N ALA A 121 -6.33 17.85 -0.43
CA ALA A 121 -7.41 17.63 0.53
C ALA A 121 -7.07 18.08 1.97
N PHE A 122 -5.80 17.95 2.35
CA PHE A 122 -5.34 18.42 3.64
C PHE A 122 -5.45 19.95 3.69
N ILE A 123 -4.93 20.59 2.64
CA ILE A 123 -5.06 22.02 2.51
C ILE A 123 -6.53 22.50 2.66
N LYS A 124 -7.44 21.82 1.97
CA LYS A 124 -8.86 22.19 2.00
C LYS A 124 -9.43 22.14 3.42
N GLN A 125 -8.83 21.30 4.25
CA GLN A 125 -9.40 20.86 5.51
C GLN A 125 -8.92 21.68 6.66
N ILE A 126 -7.65 22.09 6.59
CA ILE A 126 -6.99 22.80 7.67
C ILE A 126 -6.55 24.21 7.28
N GLN A 127 -6.57 24.49 5.97
CA GLN A 127 -6.40 25.85 5.41
C GLN A 127 -5.20 26.53 6.01
N PRO A 128 -4.03 25.99 5.74
CA PRO A 128 -2.85 26.47 6.37
C PRO A 128 -2.49 27.86 5.93
N LYS A 129 -1.84 28.61 6.81
CA LYS A 129 -1.16 29.85 6.45
C LYS A 129 0.32 29.61 6.21
N LEU A 130 0.79 28.39 6.43
CA LEU A 130 2.19 28.03 6.19
C LEU A 130 2.32 26.68 5.48
N LEU A 131 3.18 26.64 4.48
CA LEU A 131 3.46 25.40 3.78
C LEU A 131 4.95 25.22 3.70
N ILE A 132 5.40 23.99 3.95
CA ILE A 132 6.83 23.66 3.88
C ILE A 132 7.00 22.35 3.17
N GLY A 133 7.90 22.34 2.20
CA GLY A 133 8.14 21.18 1.38
C GLY A 133 9.49 21.19 0.71
N SER A 134 9.66 20.29 -0.24
CA SER A 134 10.93 20.16 -0.91
C SER A 134 10.82 20.30 -2.42
N ARG A 135 11.63 21.20 -2.96
CA ARG A 135 11.80 21.30 -4.43
C ARG A 135 12.17 19.94 -5.09
N GLN A 136 12.69 19.00 -4.32
CA GLN A 136 13.00 17.67 -4.84
C GLN A 136 11.83 16.68 -4.87
N HIS A 137 10.63 17.14 -4.53
CA HIS A 137 9.46 16.29 -4.47
C HIS A 137 8.60 16.50 -5.71
N GLU A 138 8.22 15.42 -6.39
CA GLU A 138 7.48 15.55 -7.67
C GLU A 138 6.45 16.68 -7.68
N VAL A 139 5.77 16.94 -6.57
CA VAL A 139 4.73 17.95 -6.49
C VAL A 139 5.27 19.41 -6.49
N PHE A 140 6.49 19.59 -6.04
CA PHE A 140 7.11 20.91 -6.08
C PHE A 140 8.33 20.87 -7.01
N SER A 141 8.30 19.93 -7.97
CA SER A 141 9.22 19.90 -9.12
C SER A 141 9.19 21.25 -9.87
N ASN A 142 7.96 21.72 -10.13
CA ASN A 142 7.64 23.00 -10.75
C ASN A 142 6.53 23.68 -9.90
N ASN A 143 5.68 24.49 -10.54
CA ASN A 143 4.75 25.37 -9.80
C ASN A 143 3.27 25.10 -9.96
N GLN A 144 2.94 24.04 -10.69
CA GLN A 144 1.54 23.75 -10.99
C GLN A 144 0.64 23.55 -9.75
N PHE A 145 1.17 22.93 -8.70
CA PHE A 145 0.39 22.77 -7.49
C PHE A 145 0.17 24.11 -6.78
N ILE A 146 1.26 24.84 -6.54
CA ILE A 146 1.19 26.14 -5.87
C ILE A 146 0.28 27.16 -6.59
N ASP A 147 0.52 27.38 -7.89
CA ASP A 147 -0.32 28.29 -8.68
C ASP A 147 -1.77 27.81 -8.62
N SER A 148 -1.97 26.50 -8.67
CA SER A 148 -3.31 25.89 -8.59
C SER A 148 -4.08 26.32 -7.36
N LEU A 149 -3.35 26.68 -6.31
CA LEU A 149 -3.96 27.01 -5.03
C LEU A 149 -4.52 28.41 -5.01
N HIS A 150 -3.85 29.29 -5.77
CA HIS A 150 -4.29 30.65 -5.94
C HIS A 150 -5.73 30.66 -6.45
N ASP A 151 -6.04 29.77 -7.41
CA ASP A 151 -7.34 29.74 -8.09
C ASP A 151 -8.55 29.24 -7.24
N VAL A 152 -8.32 28.76 -6.02
CA VAL A 152 -9.43 28.42 -5.07
C VAL A 152 -9.31 29.22 -3.76
N ASN A 153 -8.36 30.18 -3.74
CA ASN A 153 -8.00 30.98 -2.56
C ASN A 153 -7.67 30.13 -1.32
N LEU A 154 -6.89 29.08 -1.53
CA LEU A 154 -6.24 28.32 -0.45
C LEU A 154 -4.75 28.54 -0.56
N SER A 155 -4.36 29.73 -0.96
CA SER A 155 -2.95 30.07 -0.96
C SER A 155 -2.45 30.36 0.44
N PRO A 156 -1.39 29.66 0.85
CA PRO A 156 -0.75 29.94 2.13
C PRO A 156 -0.01 31.26 2.05
N GLU A 157 -0.12 32.07 3.09
CA GLU A 157 0.63 33.32 3.14
C GLU A 157 2.11 33.07 2.99
N ILE A 158 2.63 32.11 3.75
CA ILE A 158 4.06 31.77 3.66
C ILE A 158 4.34 30.33 3.15
N ILE A 159 5.37 30.20 2.32
CA ILE A 159 5.81 28.94 1.75
C ILE A 159 7.32 28.80 1.88
N LEU A 160 7.76 27.74 2.56
CA LEU A 160 9.20 27.48 2.66
C LEU A 160 9.61 26.21 1.93
N MET A 161 10.74 26.27 1.26
CA MET A 161 11.19 25.16 0.47
C MET A 161 12.55 24.76 0.87
N LEU A 162 12.72 23.48 1.16
CA LEU A 162 14.04 22.92 1.31
C LEU A 162 14.54 22.64 -0.11
N ASN A 163 15.86 22.65 -0.29
CA ASN A 163 16.50 22.61 -1.62
C ASN A 163 15.91 23.68 -2.53
N HIS A 164 15.59 24.82 -1.91
CA HIS A 164 15.00 25.99 -2.55
C HIS A 164 15.68 26.48 -3.85
N GLN A 165 14.88 27.19 -4.65
CA GLN A 165 15.39 27.98 -5.78
C GLN A 165 15.76 29.39 -5.32
N ALA A 166 16.43 30.18 -6.15
CA ALA A 166 16.83 31.53 -5.72
C ALA A 166 15.65 32.46 -5.37
N THR A 167 14.51 32.33 -6.05
CA THR A 167 13.34 33.20 -5.72
C THR A 167 12.44 32.64 -4.63
N ASP A 168 12.79 31.45 -4.12
CA ASP A 168 12.09 30.82 -2.99
C ASP A 168 12.56 31.37 -1.65
N PHE A 169 11.65 31.39 -0.68
CA PHE A 169 12.07 31.48 0.70
C PHE A 169 12.71 30.14 1.06
N GLY A 170 14.01 30.12 1.29
CA GLY A 170 14.65 28.86 1.63
C GLY A 170 14.38 28.46 3.07
N LEU A 171 14.09 27.18 3.31
CA LEU A 171 13.90 26.69 4.68
C LEU A 171 15.14 26.89 5.53
N LEU A 172 16.29 26.52 4.96
CA LEU A 172 17.54 26.57 5.67
C LEU A 172 17.94 27.99 6.13
N ASP A 173 17.53 29.01 5.37
CA ASP A 173 17.92 30.39 5.72
C ASP A 173 17.08 30.85 6.90
N TRP A 174 15.80 30.50 6.85
CA TRP A 174 14.87 30.69 7.96
C TRP A 174 15.20 29.88 9.24
N ILE A 175 16.00 28.84 9.13
CA ILE A 175 16.40 28.10 10.31
C ILE A 175 17.69 28.70 10.84
N GLU A 176 18.57 29.09 9.91
CA GLU A 176 19.96 29.42 10.26
C GLU A 176 20.10 30.75 10.98
N THR A 177 19.27 31.74 10.64
CA THR A 177 19.37 33.10 11.25
C THR A 177 18.07 33.67 11.85
N PRO A 178 18.16 34.24 13.08
CA PRO A 178 16.92 34.61 13.76
C PRO A 178 16.38 35.93 13.19
N ALA A 179 15.13 36.23 13.52
CA ALA A 179 14.38 37.35 12.97
C ALA A 179 14.98 38.68 13.41
N GLU A 180 14.84 39.71 12.58
CA GLU A 180 15.30 41.05 12.94
C GLU A 180 14.44 41.59 14.11
N THR A 181 13.16 41.88 13.87
CA THR A 181 12.27 42.33 14.96
C THR A 181 11.80 41.17 15.86
N PHE A 182 11.73 41.39 17.17
CA PHE A 182 11.29 40.38 18.14
C PHE A 182 9.78 40.42 18.29
N VAL A 183 9.07 39.38 17.83
CA VAL A 183 7.63 39.22 18.16
C VAL A 183 7.45 38.11 19.21
N ASP A 184 6.33 38.13 19.91
CA ASP A 184 6.08 37.18 20.98
C ASP A 184 5.33 35.92 20.55
N PHE A 185 5.73 34.80 21.14
CA PHE A 185 5.13 33.52 20.82
C PHE A 185 5.21 32.55 21.98
N SER A 186 4.22 31.65 22.04
CA SER A 186 4.27 30.46 22.90
C SER A 186 3.50 29.29 22.29
N SER A 187 3.55 28.16 22.96
CA SER A 187 2.85 26.98 22.50
C SER A 187 1.34 27.10 22.72
N THR A 188 0.58 26.23 22.06
CA THR A 188 -0.82 26.12 22.36
C THR A 188 -0.92 25.59 23.80
N PRO A 189 -2.02 25.85 24.52
CA PRO A 189 -1.99 25.27 25.87
C PRO A 189 -2.06 23.74 25.86
N ALA A 190 -1.63 23.16 26.98
CA ALA A 190 -1.37 21.74 27.05
C ALA A 190 -2.58 20.83 26.84
N ASP A 191 -3.79 21.33 27.14
CA ASP A 191 -4.97 20.51 26.98
C ASP A 191 -5.69 20.86 25.70
N GLU A 192 -4.98 21.57 24.83
CA GLU A 192 -5.49 21.94 23.49
C GLU A 192 -4.60 21.30 22.42
N VAL A 193 -5.06 21.29 21.18
CA VAL A 193 -4.36 20.63 20.07
C VAL A 193 -2.92 21.16 19.90
N ALA A 194 -1.97 20.26 19.85
CA ALA A 194 -0.58 20.57 19.52
C ALA A 194 -0.37 20.37 18.04
N PHE A 195 -0.94 19.29 17.47
CA PHE A 195 -0.79 18.96 16.05
C PHE A 195 -1.76 17.88 15.55
N PHE A 196 -1.74 17.61 14.24
CA PHE A 196 -2.62 16.61 13.64
C PHE A 196 -1.87 15.36 13.25
N GLN A 197 -2.30 14.21 13.77
CA GLN A 197 -1.85 12.92 13.29
C GLN A 197 -2.77 12.46 12.17
N LEU A 198 -2.37 11.45 11.39
CA LEU A 198 -3.20 10.93 10.27
C LEU A 198 -3.48 9.46 10.40
N SER A 199 -4.72 9.02 10.14
CA SER A 199 -5.00 7.58 10.14
C SER A 199 -4.41 6.84 8.92
N GLY A 200 -3.95 5.61 9.14
CA GLY A 200 -3.60 4.71 8.04
C GLY A 200 -4.79 3.78 7.74
N GLY A 201 -5.81 3.85 8.62
CA GLY A 201 -7.02 3.01 8.53
C GLY A 201 -8.07 3.45 7.48
N SER A 202 -7.73 4.49 6.71
CA SER A 202 -8.63 5.13 5.74
C SER A 202 -8.67 4.54 4.29
N THR A 203 -9.88 4.47 3.73
CA THR A 203 -10.03 4.31 2.28
C THR A 203 -9.56 5.60 1.63
N GLY A 204 -8.63 5.48 0.66
CA GLY A 204 -7.99 6.69 0.06
C GLY A 204 -7.57 7.75 1.11
N THR A 205 -8.31 8.87 1.21
CA THR A 205 -7.84 10.05 1.95
C THR A 205 -7.76 9.86 3.49
N PRO A 206 -6.55 10.02 4.12
CA PRO A 206 -6.39 9.88 5.59
C PRO A 206 -7.18 10.92 6.43
N LYS A 207 -7.98 10.45 7.40
CA LYS A 207 -8.74 11.35 8.30
C LYS A 207 -7.80 12.05 9.32
N LEU A 208 -8.13 13.25 9.77
CA LEU A 208 -7.23 14.01 10.69
C LEU A 208 -7.49 13.85 12.18
N ILE A 209 -6.42 13.54 12.89
CA ILE A 209 -6.49 13.22 14.31
C ILE A 209 -5.80 14.30 15.13
N PRO A 210 -6.59 15.18 15.78
CA PRO A 210 -6.01 16.15 16.69
C PRO A 210 -5.35 15.46 17.89
N ARG A 211 -4.17 15.92 18.28
CA ARG A 211 -3.51 15.37 19.43
C ARG A 211 -3.07 16.60 20.16
N THR A 212 -3.29 16.55 21.47
CA THR A 212 -2.91 17.59 22.39
C THR A 212 -1.55 17.29 22.97
N HIS A 213 -0.90 18.32 23.50
CA HIS A 213 0.37 18.21 24.22
C HIS A 213 0.32 17.19 25.35
N ASN A 214 -0.66 17.33 26.27
CA ASN A 214 -0.89 16.36 27.35
C ASN A 214 -0.90 14.91 26.87
N ASP A 215 -1.82 14.57 25.98
CA ASP A 215 -1.94 13.17 25.61
C ASP A 215 -0.74 12.63 24.85
N TYR A 216 -0.15 13.44 23.96
CA TYR A 216 0.96 12.94 23.21
C TYR A 216 2.14 12.80 24.09
N ASP A 217 2.43 13.86 24.87
CA ASP A 217 3.57 13.85 25.76
C ASP A 217 3.52 12.62 26.65
N TYR A 218 2.36 12.36 27.27
CA TYR A 218 2.16 11.15 28.08
C TYR A 218 2.47 9.88 27.31
N SER A 219 1.87 9.73 26.13
CA SER A 219 2.17 8.52 25.37
C SER A 219 3.69 8.37 25.18
N VAL A 220 4.40 9.47 24.94
CA VAL A 220 5.86 9.42 24.70
C VAL A 220 6.64 9.06 25.95
N ARG A 221 6.32 9.70 27.08
CA ARG A 221 7.03 9.46 28.33
C ARG A 221 6.85 8.00 28.74
N ALA A 222 5.61 7.55 28.77
CA ALA A 222 5.29 6.18 29.13
C ALA A 222 5.92 5.11 28.20
N SER A 223 5.90 5.36 26.89
CA SER A 223 6.58 4.49 25.94
C SER A 223 8.11 4.38 26.18
N ALA A 224 8.79 5.51 26.38
CA ALA A 224 10.22 5.50 26.69
C ALA A 224 10.50 4.56 27.86
N GLU A 225 9.64 4.61 28.87
CA GLU A 225 9.84 3.76 30.04
C GLU A 225 9.60 2.27 29.73
N ILE A 226 8.50 1.95 29.04
CA ILE A 226 8.22 0.55 28.67
C ILE A 226 9.34 -0.06 27.81
N CYS A 227 10.08 0.73 27.07
CA CYS A 227 11.12 0.22 26.17
C CYS A 227 12.51 0.39 26.77
N GLY A 228 12.56 0.92 27.98
CA GLY A 228 13.82 1.05 28.67
C GLY A 228 14.78 1.94 27.90
N LEU A 229 14.29 3.04 27.35
CA LEU A 229 15.19 3.98 26.71
C LEU A 229 16.05 4.63 27.76
N ASN A 230 17.27 5.01 27.37
CA ASN A 230 18.09 5.84 28.23
C ASN A 230 18.99 6.69 27.33
N SER A 231 20.03 7.29 27.87
CA SER A 231 20.74 8.28 27.08
C SER A 231 21.76 7.63 26.17
N ASN A 232 21.93 6.32 26.32
CA ASN A 232 22.78 5.60 25.38
C ASN A 232 22.02 5.05 24.20
N THR A 233 20.68 5.14 24.24
CA THR A 233 19.82 4.67 23.17
C THR A 233 20.14 5.47 21.92
N ARG A 234 20.45 4.79 20.83
CA ARG A 234 20.65 5.41 19.52
C ARG A 234 19.67 4.74 18.57
N LEU A 235 18.60 5.44 18.21
CA LEU A 235 17.47 4.81 17.51
C LEU A 235 17.43 5.09 16.04
N LEU A 236 17.54 4.05 15.21
CA LEU A 236 17.46 4.17 13.78
C LEU A 236 16.06 4.57 13.44
N CYS A 237 15.95 5.44 12.47
CA CYS A 237 14.72 6.06 12.13
C CYS A 237 14.59 5.96 10.60
N ALA A 238 14.18 4.77 10.19
CA ALA A 238 14.14 4.34 8.80
C ALA A 238 12.71 4.37 8.24
N LEU A 239 11.73 4.47 9.13
CA LEU A 239 10.33 4.53 8.77
C LEU A 239 9.98 5.99 8.59
N PRO A 240 8.84 6.33 7.97
CA PRO A 240 8.63 7.78 7.72
C PRO A 240 8.55 8.59 9.02
N ALA A 241 9.36 9.64 9.12
CA ALA A 241 9.48 10.34 10.38
C ALA A 241 8.16 10.78 11.07
N PRO A 242 7.17 11.21 10.31
CA PRO A 242 5.93 11.64 10.96
C PRO A 242 4.93 10.54 11.41
N HIS A 243 5.19 9.29 11.04
CA HIS A 243 4.33 8.19 11.38
C HIS A 243 4.32 7.96 12.88
N ASN A 244 3.12 7.73 13.44
CA ASN A 244 2.95 7.70 14.89
C ASN A 244 3.94 6.72 15.55
N PHE A 245 4.00 5.49 15.03
CA PHE A 245 4.98 4.49 15.43
C PHE A 245 6.38 5.11 15.50
N MET A 246 6.82 5.83 14.46
CA MET A 246 8.21 6.33 14.38
C MET A 246 8.43 7.59 15.18
N LEU A 247 7.36 8.33 15.40
CA LEU A 247 7.48 9.56 16.15
C LEU A 247 7.38 9.31 17.68
N SER A 248 6.58 8.32 18.06
CA SER A 248 6.16 8.31 19.45
C SER A 248 6.00 6.97 20.10
N SER A 249 6.36 5.89 19.42
CA SER A 249 6.10 4.58 19.97
C SER A 249 7.31 3.67 20.05
N PRO A 250 8.31 4.07 20.81
CA PRO A 250 8.47 5.32 21.55
C PRO A 250 8.99 6.45 20.64
N GLY A 251 9.61 6.08 19.52
CA GLY A 251 9.92 7.05 18.47
C GLY A 251 11.01 8.07 18.79
N ALA A 252 11.25 8.94 17.81
CA ALA A 252 12.14 10.09 17.96
C ALA A 252 11.83 10.81 19.28
N LEU A 253 10.56 11.13 19.50
CA LEU A 253 10.18 11.83 20.73
C LEU A 253 10.60 11.03 22.00
N GLY A 254 10.27 9.72 22.04
CA GLY A 254 10.64 8.88 23.16
C GLY A 254 12.13 8.92 23.43
N VAL A 255 12.94 8.83 22.39
CA VAL A 255 14.39 8.86 22.50
C VAL A 255 14.89 10.22 22.99
N LEU A 256 14.32 11.28 22.41
CA LEU A 256 14.63 12.64 22.92
C LEU A 256 14.28 12.80 24.37
N HIS A 257 13.13 12.28 24.78
CA HIS A 257 12.71 12.33 26.18
C HIS A 257 13.72 11.69 27.12
N ALA A 258 14.29 10.58 26.68
CA ALA A 258 15.27 9.85 27.47
C ALA A 258 16.73 10.34 27.30
N GLY A 259 16.94 11.33 26.45
CA GLY A 259 18.26 11.90 26.32
C GLY A 259 19.18 11.16 25.38
N GLY A 260 18.62 10.24 24.59
CA GLY A 260 19.37 9.56 23.53
C GLY A 260 19.42 10.30 22.21
N CYS A 261 19.79 9.59 21.16
CA CYS A 261 20.04 10.14 19.86
C CYS A 261 19.21 9.45 18.77
N VAL A 262 18.63 10.21 17.86
CA VAL A 262 17.99 9.63 16.69
C VAL A 262 19.00 9.60 15.55
N VAL A 263 19.02 8.49 14.82
CA VAL A 263 19.89 8.30 13.65
C VAL A 263 19.04 8.21 12.36
N MET A 264 19.20 9.19 11.47
CA MET A 264 18.34 9.30 10.28
C MET A 264 18.65 8.21 9.25
N ALA A 265 17.66 7.83 8.47
CA ALA A 265 17.85 6.91 7.36
C ALA A 265 16.78 7.23 6.30
N PRO A 266 17.15 7.24 5.01
CA PRO A 266 16.14 7.67 4.05
C PRO A 266 14.92 6.76 3.97
N ASN A 267 15.12 5.46 4.16
CA ASN A 267 14.07 4.46 4.00
C ASN A 267 14.52 3.17 4.67
N PRO A 268 13.71 2.10 4.60
CA PRO A 268 14.21 0.94 5.36
C PRO A 268 15.04 -0.06 4.58
N GLU A 269 15.60 0.33 3.42
CA GLU A 269 16.39 -0.55 2.53
C GLU A 269 17.56 -1.11 3.34
N PRO A 270 17.79 -2.44 3.25
CA PRO A 270 18.75 -3.15 4.08
C PRO A 270 20.19 -2.66 4.01
N LEU A 271 20.84 -2.69 2.84
CA LEU A 271 22.29 -2.38 2.79
C LEU A 271 22.57 -1.00 3.30
N ASN A 272 21.70 -0.04 2.95
CA ASN A 272 21.93 1.30 3.45
C ASN A 272 21.72 1.44 4.96
N CYS A 273 20.62 0.88 5.47
CA CYS A 273 20.40 0.81 6.92
C CYS A 273 21.47 0.02 7.68
N PHE A 274 21.85 -1.12 7.13
CA PHE A 274 22.84 -1.96 7.79
C PHE A 274 24.09 -1.18 8.00
N SER A 275 24.46 -0.37 7.01
CA SER A 275 25.70 0.36 7.19
C SER A 275 25.55 1.70 7.93
N ILE A 276 24.35 2.30 7.96
CA ILE A 276 24.09 3.34 8.93
C ILE A 276 24.19 2.75 10.36
N ILE A 277 23.66 1.53 10.55
CA ILE A 277 23.76 0.88 11.86
C ILE A 277 25.22 0.69 12.33
N GLN A 278 26.05 0.26 11.38
CA GLN A 278 27.48 0.03 11.56
C GLN A 278 28.19 1.33 11.94
N ARG A 279 28.04 2.35 11.11
CA ARG A 279 28.67 3.63 11.36
C ARG A 279 28.38 4.26 12.71
N HIS A 280 27.13 4.21 13.14
CA HIS A 280 26.75 4.92 14.35
C HIS A 280 26.46 4.05 15.55
N GLN A 281 26.79 2.76 15.41
CA GLN A 281 26.55 1.80 16.45
C GLN A 281 25.16 1.99 17.02
N VAL A 282 24.21 2.09 16.11
CA VAL A 282 22.77 2.07 16.39
C VAL A 282 22.41 0.80 17.18
N ASN A 283 21.71 0.99 18.29
CA ASN A 283 21.32 -0.15 19.12
C ASN A 283 19.81 -0.43 19.12
N MET A 284 19.04 0.42 18.45
CA MET A 284 17.60 0.27 18.40
C MET A 284 17.05 0.64 17.03
N ALA A 285 16.10 -0.16 16.54
CA ALA A 285 15.41 0.11 15.26
C ALA A 285 13.91 -0.24 15.34
N SER A 286 13.15 0.33 14.41
CA SER A 286 11.72 0.13 14.34
C SER A 286 11.29 -0.12 12.90
N LEU A 287 10.65 -1.25 12.65
CA LEU A 287 10.27 -1.61 11.30
C LEU A 287 8.85 -2.16 11.23
N VAL A 288 8.34 -2.24 10.02
CA VAL A 288 7.11 -2.88 9.73
C VAL A 288 7.48 -4.24 9.13
N PRO A 289 6.55 -5.22 9.18
CA PRO A 289 6.83 -6.58 8.72
C PRO A 289 7.48 -6.69 7.29
N SER A 290 6.96 -6.00 6.30
CA SER A 290 7.57 -6.07 4.94
C SER A 290 9.04 -5.64 4.89
N ALA A 291 9.40 -4.68 5.76
CA ALA A 291 10.82 -4.23 5.91
C ALA A 291 11.59 -5.24 6.73
N VAL A 292 10.90 -5.97 7.62
CA VAL A 292 11.61 -6.94 8.46
C VAL A 292 12.08 -8.06 7.57
N ILE A 293 11.26 -8.45 6.60
CA ILE A 293 11.60 -9.56 5.69
C ILE A 293 12.77 -9.20 4.79
N MET A 294 12.81 -7.96 4.33
CA MET A 294 13.98 -7.49 3.60
C MET A 294 15.27 -7.62 4.43
N TRP A 295 15.27 -7.10 5.65
CA TRP A 295 16.45 -7.23 6.54
C TRP A 295 16.81 -8.71 6.76
N LEU A 296 15.79 -9.54 6.96
CA LEU A 296 15.98 -10.98 7.13
C LEU A 296 16.68 -11.64 5.95
N GLU A 297 16.40 -11.21 4.72
CA GLU A 297 17.09 -11.74 3.54
C GLU A 297 18.59 -11.46 3.50
N LYS A 298 19.02 -10.34 4.04
CA LYS A 298 20.42 -9.94 3.91
C LYS A 298 21.26 -10.01 5.19
N ALA A 299 20.64 -10.32 6.32
CA ALA A 299 21.33 -10.31 7.63
C ALA A 299 22.43 -11.32 7.83
N ALA A 300 22.29 -12.54 7.30
CA ALA A 300 23.38 -13.49 7.47
C ALA A 300 24.65 -12.92 6.80
N GLN A 301 24.59 -12.49 5.53
CA GLN A 301 25.80 -11.93 4.88
C GLN A 301 26.39 -10.68 5.58
N TYR A 302 25.63 -10.04 6.46
CA TYR A 302 26.09 -8.80 7.13
C TYR A 302 26.07 -8.84 8.67
N LYS A 303 26.03 -10.06 9.23
CA LYS A 303 26.07 -10.26 10.69
C LYS A 303 26.97 -9.19 11.33
N ASP A 304 28.17 -9.00 10.78
CA ASP A 304 29.16 -8.05 11.35
C ASP A 304 28.67 -6.59 11.43
N GLN A 305 28.06 -6.10 10.35
CA GLN A 305 27.64 -4.72 10.26
C GLN A 305 26.53 -4.38 11.26
N ILE A 306 25.70 -5.35 11.65
CA ILE A 306 24.51 -5.05 12.51
C ILE A 306 24.50 -5.59 13.95
N GLN A 307 25.62 -6.10 14.43
CA GLN A 307 25.72 -6.63 15.78
C GLN A 307 25.26 -5.63 16.85
N SER A 308 25.62 -4.36 16.72
CA SER A 308 25.40 -3.36 17.76
C SER A 308 23.94 -3.23 18.16
N LEU A 309 23.08 -3.71 17.29
CA LEU A 309 21.65 -3.63 17.43
C LEU A 309 21.20 -4.47 18.60
N LYS A 310 20.43 -3.87 19.49
CA LYS A 310 20.04 -4.56 20.69
C LYS A 310 18.54 -4.80 20.75
N LEU A 311 17.74 -3.97 20.08
CA LEU A 311 16.27 -4.11 20.12
C LEU A 311 15.62 -3.68 18.82
N LEU A 312 14.67 -4.48 18.36
CA LEU A 312 13.90 -4.15 17.19
C LEU A 312 12.44 -4.27 17.52
N GLN A 313 11.72 -3.22 17.22
CA GLN A 313 10.33 -3.24 17.42
C GLN A 313 9.76 -3.56 16.08
N VAL A 314 8.66 -4.32 16.03
CA VAL A 314 7.94 -4.53 14.79
C VAL A 314 6.48 -4.25 15.02
N GLY A 315 5.94 -3.35 14.23
CA GLY A 315 4.52 -3.03 14.30
C GLY A 315 4.00 -2.60 12.95
N GLY A 316 2.70 -2.46 12.83
CA GLY A 316 2.13 -1.77 11.70
C GLY A 316 1.26 -2.64 10.81
N ALA A 317 1.33 -3.95 10.95
CA ALA A 317 0.65 -4.82 10.04
C ALA A 317 0.87 -6.18 10.63
N SER A 318 0.11 -7.16 10.16
CA SER A 318 0.15 -8.50 10.72
C SER A 318 1.54 -9.08 10.64
N PHE A 319 2.00 -9.66 11.75
CA PHE A 319 3.35 -10.19 11.84
C PHE A 319 3.35 -11.67 12.25
N PRO A 320 3.43 -12.58 11.27
CA PRO A 320 3.33 -14.02 11.62
C PRO A 320 4.41 -14.48 12.61
N GLU A 321 4.05 -15.44 13.47
CA GLU A 321 4.94 -15.95 14.51
C GLU A 321 6.20 -16.57 13.89
N SER A 322 5.98 -17.29 12.82
CA SER A 322 7.00 -17.79 11.97
C SER A 322 8.13 -16.74 11.76
N LEU A 323 7.80 -15.52 11.36
CA LEU A 323 8.84 -14.50 11.15
C LEU A 323 9.38 -13.92 12.44
N ALA A 324 8.51 -13.75 13.42
CA ALA A 324 8.91 -13.25 14.72
C ALA A 324 10.08 -14.03 15.30
N ARG A 325 10.01 -15.36 15.29
CA ARG A 325 11.06 -16.24 15.85
C ARG A 325 12.37 -16.08 15.13
N GLN A 326 12.31 -15.62 13.89
CA GLN A 326 13.51 -15.35 13.11
C GLN A 326 14.27 -14.10 13.54
N VAL A 327 13.58 -13.12 14.09
CA VAL A 327 14.26 -11.88 14.48
C VAL A 327 15.41 -12.12 15.47
N PRO A 328 15.19 -12.77 16.61
CA PRO A 328 16.37 -13.00 17.44
C PRO A 328 17.45 -13.87 16.80
N GLU A 329 17.07 -14.93 16.10
CA GLU A 329 18.03 -15.91 15.59
C GLU A 329 18.87 -15.32 14.46
N VAL A 330 18.22 -14.49 13.64
CA VAL A 330 18.83 -13.91 12.46
C VAL A 330 19.31 -12.48 12.66
N LEU A 331 18.52 -11.63 13.31
CA LEU A 331 18.92 -10.22 13.46
C LEU A 331 19.81 -10.00 14.69
N ASN A 332 19.80 -10.98 15.58
CA ASN A 332 20.62 -10.95 16.78
C ASN A 332 20.27 -9.77 17.68
N CYS A 333 19.01 -9.68 18.05
CA CYS A 333 18.53 -8.66 18.98
C CYS A 333 17.20 -9.03 19.55
N LYS A 334 16.80 -8.36 20.60
CA LYS A 334 15.57 -8.67 21.27
C LYS A 334 14.42 -8.28 20.37
N LEU A 335 13.30 -8.97 20.46
CA LEU A 335 12.12 -8.51 19.73
C LEU A 335 11.12 -7.89 20.66
N GLN A 336 10.54 -6.77 20.22
CA GLN A 336 9.39 -6.17 20.87
C GLN A 336 8.32 -5.94 19.84
N GLN A 337 7.13 -6.48 20.08
CA GLN A 337 6.01 -6.27 19.17
C GLN A 337 5.12 -5.10 19.54
N VAL A 338 4.72 -4.32 18.55
CA VAL A 338 4.00 -3.09 18.79
C VAL A 338 2.73 -3.07 17.95
N PHE A 339 1.59 -2.89 18.60
CA PHE A 339 0.29 -2.71 17.91
C PHE A 339 -0.35 -1.40 18.40
N GLY A 340 -0.24 -0.37 17.56
CA GLY A 340 -0.67 0.94 17.93
C GLY A 340 -1.50 1.47 16.81
N MET A 341 -2.09 2.64 17.03
CA MET A 341 -2.86 3.30 16.00
C MET A 341 -2.65 4.82 16.18
N ALA A 342 -2.52 5.55 15.09
CA ALA A 342 -2.44 7.00 15.13
C ALA A 342 -3.51 7.61 16.06
N GLU A 343 -4.63 6.89 16.20
CA GLU A 343 -5.75 7.42 16.93
C GLU A 343 -5.50 7.46 18.42
N GLY A 344 -4.54 6.70 18.88
CA GLY A 344 -4.34 6.61 20.32
C GLY A 344 -3.62 5.37 20.76
N LEU A 345 -4.38 4.49 21.42
CA LEU A 345 -3.93 3.20 21.95
C LEU A 345 -2.68 2.59 21.29
N VAL A 346 -1.69 2.28 22.12
CA VAL A 346 -0.54 1.55 21.70
C VAL A 346 -0.32 0.44 22.69
N ASN A 347 0.00 -0.74 22.14
CA ASN A 347 0.31 -1.97 22.87
C ASN A 347 1.72 -2.41 22.61
N TYR A 348 2.45 -2.75 23.67
CA TYR A 348 3.80 -3.29 23.58
C TYR A 348 3.84 -4.67 24.23
N THR A 349 4.67 -5.55 23.69
CA THR A 349 5.15 -6.68 24.46
C THR A 349 6.13 -6.04 25.44
N ARG A 350 6.28 -6.59 26.64
CA ARG A 350 7.27 -6.01 27.57
C ARG A 350 8.61 -6.69 27.42
N LEU A 351 9.66 -6.04 27.91
CA LEU A 351 10.99 -6.59 27.76
C LEU A 351 11.20 -7.78 28.68
N ASP A 352 10.37 -7.91 29.70
CA ASP A 352 10.45 -9.03 30.63
C ASP A 352 9.37 -10.12 30.38
N ASP A 353 8.62 -10.01 29.28
CA ASP A 353 7.61 -10.99 28.87
C ASP A 353 8.31 -12.24 28.40
N SER A 354 7.61 -13.35 28.31
CA SER A 354 8.31 -14.56 27.88
C SER A 354 8.50 -14.58 26.38
N ASP A 355 9.48 -15.34 25.93
CA ASP A 355 9.61 -15.80 24.56
C ASP A 355 8.29 -15.93 23.81
N GLU A 356 7.39 -16.76 24.35
CA GLU A 356 6.09 -17.04 23.74
C GLU A 356 5.15 -15.86 23.68
N GLN A 357 5.09 -15.12 24.77
CA GLN A 357 4.33 -13.90 24.75
C GLN A 357 4.81 -13.02 23.57
N ILE A 358 6.11 -12.80 23.46
CA ILE A 358 6.70 -11.92 22.44
C ILE A 358 6.60 -12.48 21.01
N PHE A 359 6.65 -13.80 20.84
CA PHE A 359 6.53 -14.32 19.48
C PHE A 359 5.11 -14.45 19.00
N THR A 360 4.17 -14.65 19.92
CA THR A 360 2.77 -14.90 19.54
C THR A 360 1.76 -13.78 19.86
N THR A 361 2.16 -12.70 20.50
CA THR A 361 1.18 -11.66 20.84
C THR A 361 1.62 -10.24 20.48
N GLN A 362 0.69 -9.30 20.43
CA GLN A 362 1.08 -7.94 20.18
C GLN A 362 1.00 -7.12 21.47
N GLY A 363 1.34 -7.72 22.61
CA GLY A 363 1.46 -6.99 23.87
C GLY A 363 0.23 -6.41 24.55
N ARG A 364 0.47 -5.52 25.50
CA ARG A 364 -0.62 -4.99 26.32
C ARG A 364 -0.51 -3.47 26.36
N PRO A 365 -1.63 -2.76 26.60
CA PRO A 365 -1.60 -1.29 26.50
C PRO A 365 -0.56 -0.55 27.36
N ILE A 366 -0.14 0.62 26.87
CA ILE A 366 0.67 1.57 27.64
C ILE A 366 0.09 1.73 29.07
N SER A 367 -1.18 2.08 29.18
CA SER A 367 -1.68 2.58 30.46
C SER A 367 -2.63 1.59 31.18
N SER A 368 -2.50 1.48 32.49
CA SER A 368 -3.47 0.73 33.29
C SER A 368 -4.88 1.25 33.06
N ASP A 369 -4.95 2.48 32.55
CA ASP A 369 -6.21 3.13 32.31
C ASP A 369 -6.58 3.20 30.85
N ASP A 370 -5.91 2.43 30.00
CA ASP A 370 -6.42 2.21 28.64
C ASP A 370 -7.50 1.19 28.83
N GLU A 371 -8.73 1.62 28.59
CA GLU A 371 -9.87 0.77 28.81
C GLU A 371 -10.08 0.10 27.49
N ILE A 372 -10.53 -1.15 27.55
CA ILE A 372 -10.60 -2.06 26.42
C ILE A 372 -11.86 -2.94 26.48
N LYS A 373 -12.64 -2.89 25.41
CA LYS A 373 -13.74 -3.83 25.19
C LYS A 373 -13.54 -4.61 23.90
N ILE A 374 -13.78 -5.92 23.97
CA ILE A 374 -13.77 -6.78 22.77
C ILE A 374 -15.21 -7.32 22.56
N VAL A 375 -15.84 -6.89 21.48
CA VAL A 375 -17.26 -7.06 21.28
C VAL A 375 -17.68 -7.82 20.01
N ASP A 376 -18.89 -8.38 20.03
CA ASP A 376 -19.42 -9.17 18.92
C ASP A 376 -20.32 -8.38 18.00
N GLU A 377 -20.80 -9.03 16.94
CA GLU A 377 -21.64 -8.39 15.92
C GLU A 377 -22.79 -7.49 16.53
N GLN A 378 -23.31 -7.85 17.73
CA GLN A 378 -24.34 -7.03 18.44
C GLN A 378 -23.84 -6.13 19.59
N TYR A 379 -22.54 -5.83 19.62
CA TYR A 379 -21.95 -4.95 20.66
C TYR A 379 -21.95 -5.48 22.11
N ARG A 380 -22.11 -6.79 22.28
CA ARG A 380 -21.90 -7.39 23.59
C ARG A 380 -20.40 -7.83 23.75
N GLU A 381 -19.85 -7.68 24.95
CA GLU A 381 -18.51 -8.20 25.25
C GLU A 381 -18.47 -9.69 24.99
N VAL A 382 -17.41 -10.21 24.40
CA VAL A 382 -17.35 -11.64 24.11
C VAL A 382 -16.86 -12.44 25.32
N PRO A 383 -17.08 -13.77 25.34
CA PRO A 383 -16.38 -14.56 26.34
C PRO A 383 -14.86 -14.31 26.26
N GLU A 384 -14.16 -14.36 27.39
CA GLU A 384 -12.70 -14.13 27.46
C GLU A 384 -11.95 -15.07 26.50
N GLY A 385 -11.03 -14.53 25.70
CA GLY A 385 -10.22 -15.34 24.78
C GLY A 385 -10.73 -15.46 23.35
N GLU A 386 -11.98 -15.07 23.15
CA GLU A 386 -12.62 -15.16 21.87
C GLU A 386 -12.29 -13.92 21.09
N ILE A 387 -12.65 -13.94 19.81
CA ILE A 387 -12.32 -12.88 18.89
C ILE A 387 -13.47 -11.95 18.77
N GLY A 388 -13.20 -10.64 18.88
CA GLY A 388 -14.22 -9.63 18.62
C GLY A 388 -13.60 -8.35 18.13
N MET A 389 -14.42 -7.31 17.92
CA MET A 389 -13.89 -5.99 17.56
C MET A 389 -13.35 -5.23 18.77
N LEU A 390 -12.20 -4.57 18.58
CA LEU A 390 -11.56 -3.79 19.62
C LEU A 390 -12.26 -2.46 19.77
N ALA A 391 -12.55 -2.09 21.00
CA ALA A 391 -13.10 -0.79 21.25
C ALA A 391 -12.30 -0.28 22.40
N THR A 392 -11.92 1.00 22.36
CA THR A 392 -11.00 1.50 23.39
C THR A 392 -11.18 3.00 23.66
N ARG A 393 -10.75 3.43 24.85
CA ARG A 393 -10.70 4.83 25.22
C ARG A 393 -9.66 4.89 26.29
N GLY A 394 -8.93 5.99 26.39
CA GLY A 394 -7.87 6.07 27.36
C GLY A 394 -7.39 7.49 27.46
N PRO A 395 -6.35 7.71 28.29
CA PRO A 395 -5.72 9.00 28.51
C PRO A 395 -4.97 9.57 27.31
N TYR A 396 -4.79 8.81 26.22
CA TYR A 396 -4.14 9.38 25.03
C TYR A 396 -4.84 8.95 23.73
N THR A 397 -6.08 8.48 23.84
CA THR A 397 -6.87 8.12 22.66
C THR A 397 -7.82 9.25 22.31
N PHE A 398 -7.84 9.64 21.05
CA PHE A 398 -8.62 10.80 20.65
C PHE A 398 -10.10 10.57 20.99
N CYS A 399 -10.87 11.65 20.89
CA CYS A 399 -12.32 11.62 21.10
C CYS A 399 -13.09 12.09 19.85
N GLY A 400 -12.40 12.29 18.72
CA GLY A 400 -13.02 12.45 17.38
C GLY A 400 -12.06 12.96 16.28
N TYR A 401 -12.33 12.64 15.02
CA TYR A 401 -11.57 13.28 13.95
C TYR A 401 -11.95 14.75 13.80
N TYR A 402 -11.01 15.53 13.27
CA TYR A 402 -11.22 16.94 12.99
C TYR A 402 -12.42 17.18 12.12
N GLN A 403 -13.33 18.03 12.57
CA GLN A 403 -14.44 18.47 11.72
C GLN A 403 -15.17 17.36 10.93
N SER A 404 -15.55 16.27 11.60
CA SER A 404 -16.26 15.18 10.96
C SER A 404 -17.27 14.59 11.91
N PRO A 405 -18.28 15.38 12.37
CA PRO A 405 -19.25 14.83 13.34
C PRO A 405 -20.05 13.61 12.85
N GLU A 406 -20.15 13.48 11.53
CA GLU A 406 -20.83 12.33 10.91
C GLU A 406 -20.06 10.99 11.07
N HIS A 407 -18.86 10.90 10.51
CA HIS A 407 -17.99 9.75 10.75
C HIS A 407 -17.73 9.48 12.24
N ASN A 408 -17.52 10.54 13.04
CA ASN A 408 -17.34 10.37 14.47
C ASN A 408 -18.45 9.59 15.12
N SER A 409 -19.70 9.85 14.76
CA SER A 409 -20.86 9.22 15.43
C SER A 409 -20.97 7.78 14.99
N GLN A 410 -20.40 7.47 13.82
CA GLN A 410 -20.36 6.08 13.34
C GLN A 410 -19.32 5.23 14.07
N VAL A 411 -18.17 5.81 14.44
CA VAL A 411 -17.03 5.06 15.05
C VAL A 411 -16.81 5.19 16.58
N PHE A 412 -17.69 5.93 17.26
CA PHE A 412 -17.74 5.99 18.72
C PHE A 412 -19.05 5.43 19.21
N ASP A 413 -19.06 4.95 20.45
CA ASP A 413 -20.28 4.46 21.09
C ASP A 413 -20.74 5.44 22.19
N GLU A 414 -21.90 5.18 22.77
CA GLU A 414 -22.52 6.08 23.79
C GLU A 414 -21.50 6.49 24.83
N ASP A 415 -20.74 5.51 25.34
CA ASP A 415 -19.71 5.76 26.35
C ASP A 415 -18.34 6.23 25.79
N ASN A 416 -18.27 6.69 24.55
CA ASN A 416 -17.02 7.26 24.00
C ASN A 416 -15.86 6.32 23.75
N TYR A 417 -16.10 5.03 23.74
CA TYR A 417 -15.09 4.10 23.21
C TYR A 417 -14.98 4.30 21.72
N TYR A 418 -13.74 4.18 21.22
CA TYR A 418 -13.47 4.28 19.80
C TYR A 418 -13.33 2.88 19.21
N TYR A 419 -13.89 2.70 18.00
CA TYR A 419 -13.78 1.43 17.27
C TYR A 419 -12.81 1.48 16.12
N SER A 420 -11.67 0.83 16.30
CA SER A 420 -10.66 0.82 15.24
C SER A 420 -11.00 -0.06 14.05
N GLY A 421 -11.81 -1.08 14.28
CA GLY A 421 -12.08 -2.06 13.23
C GLY A 421 -11.11 -3.23 13.30
N ASP A 422 -10.34 -3.34 14.38
CA ASP A 422 -9.41 -4.45 14.51
C ASP A 422 -10.10 -5.58 15.19
N LEU A 423 -9.80 -6.79 14.75
CA LEU A 423 -10.34 -7.96 15.40
C LEU A 423 -9.22 -8.46 16.30
N VAL A 424 -9.50 -8.56 17.60
CA VAL A 424 -8.48 -9.00 18.57
C VAL A 424 -9.01 -10.17 19.39
N GLN A 425 -8.12 -10.79 20.16
CA GLN A 425 -8.50 -11.68 21.25
C GLN A 425 -7.55 -11.45 22.45
N ARG A 426 -8.05 -11.53 23.69
CA ARG A 426 -7.16 -11.43 24.83
C ARG A 426 -6.61 -12.82 25.12
N THR A 427 -5.35 -12.90 25.51
CA THR A 427 -4.68 -14.17 25.81
C THR A 427 -4.69 -14.37 27.33
N PRO A 428 -4.49 -15.64 27.79
CA PRO A 428 -4.75 -15.93 29.24
C PRO A 428 -3.86 -15.11 30.18
N ASP A 429 -2.63 -14.81 29.74
CA ASP A 429 -1.75 -13.90 30.52
C ASP A 429 -2.12 -12.41 30.51
N GLY A 430 -2.59 -11.90 29.38
CA GLY A 430 -3.20 -10.57 29.38
C GLY A 430 -2.93 -9.74 28.15
N ASN A 431 -2.16 -10.27 27.20
CA ASN A 431 -1.78 -9.51 26.01
C ASN A 431 -2.82 -9.58 24.92
N LEU A 432 -2.67 -8.77 23.90
CA LEU A 432 -3.59 -8.82 22.78
C LEU A 432 -3.00 -9.55 21.59
N ARG A 433 -3.84 -10.24 20.83
CA ARG A 433 -3.44 -10.85 19.58
C ARG A 433 -4.30 -10.26 18.49
N VAL A 434 -3.68 -9.52 17.57
CA VAL A 434 -4.39 -8.93 16.40
C VAL A 434 -4.59 -10.03 15.40
N VAL A 435 -5.86 -10.30 15.09
CA VAL A 435 -6.24 -11.37 14.20
C VAL A 435 -6.88 -10.92 12.89
N GLY A 436 -7.32 -9.67 12.77
CA GLY A 436 -8.07 -9.31 11.58
C GLY A 436 -8.62 -7.89 11.61
N ARG A 437 -9.41 -7.56 10.60
CA ARG A 437 -10.01 -6.26 10.50
C ARG A 437 -11.44 -6.38 9.95
N ILE A 438 -12.24 -5.36 10.16
CA ILE A 438 -13.62 -5.34 9.78
C ILE A 438 -13.92 -3.91 9.39
N LYS A 439 -14.87 -3.71 8.48
CA LYS A 439 -15.38 -2.38 8.12
C LYS A 439 -16.63 -2.06 8.98
N GLN B 6 11.70 -30.28 -19.59
CA GLN B 6 10.51 -30.55 -18.70
C GLN B 6 9.66 -29.29 -18.37
N LEU B 7 8.33 -29.46 -18.37
CA LEU B 7 7.41 -28.32 -18.15
C LEU B 7 7.35 -27.87 -16.69
N ILE B 8 7.08 -26.60 -16.51
CA ILE B 8 6.88 -26.00 -15.21
C ILE B 8 5.93 -26.83 -14.35
N GLU B 9 6.36 -27.14 -13.13
CA GLU B 9 5.47 -27.86 -12.20
C GLU B 9 4.44 -26.92 -11.50
N PHE B 10 3.26 -27.48 -11.19
CA PHE B 10 2.15 -26.79 -10.49
C PHE B 10 1.24 -27.76 -9.72
N VAL B 11 0.32 -27.26 -8.92
CA VAL B 11 -0.54 -28.22 -8.30
C VAL B 11 -1.77 -28.41 -9.19
N ARG B 12 -2.04 -29.66 -9.52
CA ARG B 12 -3.02 -29.99 -10.51
C ARG B 12 -4.43 -30.19 -9.93
N TRP B 13 -5.46 -29.97 -10.73
CA TRP B 13 -6.81 -30.30 -10.24
C TRP B 13 -6.94 -31.80 -10.24
N SER B 14 -7.90 -32.31 -9.48
CA SER B 14 -8.17 -33.73 -9.49
C SER B 14 -8.73 -34.10 -10.86
N PRO B 15 -8.44 -35.33 -11.33
CA PRO B 15 -8.97 -35.80 -12.64
C PRO B 15 -10.51 -35.68 -12.74
N GLU B 16 -11.19 -35.97 -11.62
CA GLU B 16 -12.62 -35.83 -11.55
C GLU B 16 -13.08 -34.38 -11.84
N ARG B 17 -12.40 -33.41 -11.26
CA ARG B 17 -12.74 -32.02 -11.48
C ARG B 17 -12.41 -31.54 -12.89
N ALA B 18 -11.29 -32.02 -13.45
CA ALA B 18 -10.93 -31.64 -14.84
C ALA B 18 -11.99 -32.10 -15.84
N GLN B 19 -12.39 -33.35 -15.71
CA GLN B 19 -13.42 -33.94 -16.58
C GLN B 19 -14.74 -33.16 -16.53
N HIS B 20 -15.21 -32.92 -15.31
CA HIS B 20 -16.43 -32.16 -15.07
C HIS B 20 -16.28 -30.81 -15.73
N TYR B 21 -15.14 -30.15 -15.49
CA TYR B 21 -14.97 -28.83 -16.13
C TYR B 21 -14.86 -28.89 -17.66
N ARG B 22 -14.37 -30.01 -18.22
CA ARG B 22 -14.42 -30.14 -19.70
C ARG B 22 -15.87 -30.37 -20.17
N ASN B 23 -16.56 -31.34 -19.54
CA ASN B 23 -18.01 -31.61 -19.75
C ASN B 23 -18.92 -30.39 -19.77
N LYS B 24 -18.67 -29.46 -18.85
CA LYS B 24 -19.42 -28.20 -18.73
C LYS B 24 -19.07 -27.15 -19.78
N GLY B 25 -17.96 -27.37 -20.46
CA GLY B 25 -17.63 -26.48 -21.56
C GLY B 25 -16.77 -25.33 -21.09
N TYR B 26 -16.33 -25.39 -19.83
CA TYR B 26 -15.49 -24.36 -19.27
C TYR B 26 -14.05 -24.45 -19.85
N TRP B 27 -13.46 -25.66 -19.78
CA TRP B 27 -12.13 -25.94 -20.29
C TRP B 27 -12.38 -26.49 -21.66
N ILE B 28 -11.87 -25.79 -22.68
CA ILE B 28 -12.09 -26.13 -24.11
C ILE B 28 -10.76 -26.49 -24.77
N ASP B 29 -9.71 -26.59 -23.96
CA ASP B 29 -8.39 -27.05 -24.36
C ASP B 29 -7.72 -26.34 -25.53
N GLN B 30 -7.85 -25.02 -25.56
CA GLN B 30 -7.16 -24.13 -26.48
C GLN B 30 -6.20 -23.20 -25.74
N PRO B 31 -5.07 -22.83 -26.37
CA PRO B 31 -4.10 -21.91 -25.72
C PRO B 31 -4.67 -20.49 -25.66
N LEU B 32 -4.21 -19.66 -24.70
CA LEU B 32 -4.67 -18.27 -24.65
C LEU B 32 -4.52 -17.49 -25.95
N THR B 33 -3.56 -17.87 -26.78
CA THR B 33 -3.43 -17.30 -28.14
C THR B 33 -4.74 -17.40 -28.96
N ARG B 34 -5.63 -18.33 -28.59
CA ARG B 34 -6.96 -18.44 -29.23
C ARG B 34 -7.60 -17.08 -29.42
N ILE B 35 -7.63 -16.27 -28.37
CA ILE B 35 -8.22 -14.93 -28.41
C ILE B 35 -7.75 -14.18 -29.65
N LEU B 36 -6.46 -14.29 -29.92
CA LEU B 36 -5.85 -13.64 -31.03
C LEU B 36 -6.19 -14.37 -32.32
N THR B 37 -5.88 -15.67 -32.46
CA THR B 37 -6.20 -16.40 -33.68
C THR B 37 -7.63 -16.02 -34.09
N VAL B 38 -8.62 -16.35 -33.27
CA VAL B 38 -10.02 -16.13 -33.62
C VAL B 38 -10.28 -14.73 -34.13
N GLY B 39 -9.63 -13.76 -33.50
CA GLY B 39 -9.76 -12.36 -33.89
C GLY B 39 -9.23 -12.06 -35.28
N VAL B 40 -8.01 -12.50 -35.56
CA VAL B 40 -7.45 -12.36 -36.90
C VAL B 40 -8.37 -12.99 -37.95
N GLN B 41 -8.99 -14.15 -37.62
CA GLN B 41 -10.00 -14.78 -38.53
C GLN B 41 -11.23 -13.92 -38.78
N SER B 42 -11.75 -13.31 -37.71
CA SER B 42 -13.08 -12.63 -37.74
C SER B 42 -13.08 -11.16 -38.13
N HIS B 43 -12.05 -10.41 -37.71
CA HIS B 43 -11.99 -8.95 -37.83
C HIS B 43 -10.51 -8.49 -37.91
N PRO B 44 -9.77 -9.00 -38.90
CA PRO B 44 -8.34 -8.79 -38.84
C PRO B 44 -8.01 -7.31 -38.75
N HIS B 45 -8.84 -6.46 -39.34
CA HIS B 45 -8.57 -5.01 -39.39
C HIS B 45 -9.27 -4.09 -38.33
N SER B 46 -10.20 -4.62 -37.49
CA SER B 46 -10.64 -3.91 -36.26
C SER B 46 -9.43 -3.52 -35.41
N LEU B 47 -9.55 -2.37 -34.73
CA LEU B 47 -8.52 -1.91 -33.81
C LEU B 47 -8.47 -2.79 -32.58
N ALA B 48 -7.28 -3.23 -32.26
CA ALA B 48 -7.08 -4.04 -31.06
C ALA B 48 -6.54 -3.20 -29.87
N ILE B 49 -5.45 -2.48 -30.10
CA ILE B 49 -4.80 -1.67 -29.06
C ILE B 49 -4.50 -0.29 -29.55
N ILE B 50 -4.70 0.69 -28.68
CA ILE B 50 -4.49 2.10 -28.99
C ILE B 50 -3.66 2.66 -27.86
N CYS B 51 -2.53 3.29 -28.19
CA CYS B 51 -1.55 3.75 -27.20
C CYS B 51 -0.92 5.07 -27.67
N GLY B 52 -1.48 6.20 -27.19
CA GLY B 52 -1.12 7.55 -27.66
C GLY B 52 -1.45 7.71 -29.14
N GLU B 53 -0.44 7.99 -29.96
CA GLU B 53 -0.61 8.11 -31.41
C GLU B 53 -0.67 6.76 -32.12
N ARG B 54 -0.17 5.69 -31.49
CA ARG B 54 -0.10 4.36 -32.11
C ARG B 54 -1.43 3.62 -32.10
N GLN B 55 -1.72 2.92 -33.19
CA GLN B 55 -2.93 2.12 -33.31
C GLN B 55 -2.58 0.80 -33.92
N LEU B 56 -2.93 -0.32 -33.24
CA LEU B 56 -2.61 -1.66 -33.74
C LEU B 56 -3.83 -2.48 -33.93
N SER B 57 -3.99 -2.98 -35.14
CA SER B 57 -5.16 -3.77 -35.48
C SER B 57 -4.89 -5.17 -35.03
N TYR B 58 -5.94 -6.01 -34.99
CA TYR B 58 -5.76 -7.41 -34.63
C TYR B 58 -4.70 -8.17 -35.45
N ILE B 59 -4.70 -7.97 -36.77
CA ILE B 59 -3.66 -8.64 -37.54
C ILE B 59 -2.23 -8.12 -37.27
N GLU B 60 -2.00 -6.81 -37.09
CA GLU B 60 -0.64 -6.40 -36.84
C GLU B 60 -0.23 -6.91 -35.48
N LEU B 61 -1.15 -6.86 -34.52
CA LEU B 61 -0.91 -7.45 -33.20
C LEU B 61 -0.45 -8.89 -33.28
N ASP B 62 -1.13 -9.66 -34.13
CA ASP B 62 -0.76 -11.04 -34.40
C ASP B 62 0.59 -11.18 -35.12
N ARG B 63 0.76 -10.47 -36.25
CA ARG B 63 2.08 -10.36 -36.94
C ARG B 63 3.22 -10.00 -35.94
N LEU B 64 3.07 -8.91 -35.18
CA LEU B 64 4.14 -8.50 -34.26
C LEU B 64 4.51 -9.52 -33.16
N SER B 65 3.49 -10.14 -32.53
CA SER B 65 3.73 -11.11 -31.43
C SER B 65 4.37 -12.36 -32.00
N THR B 66 3.85 -12.84 -33.12
CA THR B 66 4.52 -13.90 -33.88
C THR B 66 6.03 -13.54 -34.11
N ASN B 67 6.29 -12.35 -34.69
CA ASN B 67 7.69 -11.97 -35.01
C ASN B 67 8.60 -12.19 -33.85
N LEU B 68 8.25 -11.59 -32.70
CA LEU B 68 9.00 -11.83 -31.48
C LEU B 68 9.13 -13.31 -31.17
N ALA B 69 8.04 -14.08 -31.18
CA ALA B 69 8.15 -15.52 -30.86
C ALA B 69 9.15 -16.28 -31.75
N THR B 70 9.11 -15.99 -33.05
CA THR B 70 10.13 -16.55 -33.96
C THR B 70 11.57 -16.24 -33.50
N ARG B 71 11.82 -15.00 -33.06
CA ARG B 71 13.17 -14.71 -32.58
C ARG B 71 13.53 -15.43 -31.31
N LEU B 72 12.59 -15.66 -30.40
CA LEU B 72 12.87 -16.43 -29.18
C LEU B 72 13.07 -17.91 -29.42
N ALA B 73 12.40 -18.41 -30.47
CA ALA B 73 12.48 -19.83 -30.84
C ALA B 73 13.83 -20.09 -31.46
N GLU B 74 14.30 -19.13 -32.28
CA GLU B 74 15.63 -19.19 -32.88
C GLU B 74 16.75 -19.24 -31.85
N LYS B 75 16.60 -18.52 -30.74
CA LYS B 75 17.62 -18.57 -29.69
C LYS B 75 17.39 -19.69 -28.70
N GLY B 76 16.56 -20.65 -29.10
CA GLY B 76 16.29 -21.87 -28.35
C GLY B 76 15.58 -21.66 -27.03
N LEU B 77 14.68 -20.66 -27.00
CA LEU B 77 13.81 -20.44 -25.82
C LEU B 77 12.41 -20.97 -26.05
N GLY B 78 11.99 -21.85 -25.15
CA GLY B 78 10.70 -22.51 -25.35
C GLY B 78 10.19 -23.32 -24.16
N LYS B 79 9.40 -24.34 -24.45
CA LYS B 79 8.77 -25.13 -23.39
C LYS B 79 9.82 -25.54 -22.40
N GLY B 80 9.59 -25.24 -21.13
CA GLY B 80 10.51 -25.55 -20.04
C GLY B 80 11.19 -24.28 -19.55
N ASP B 81 11.16 -23.24 -20.38
CA ASP B 81 11.82 -21.95 -20.06
C ASP B 81 10.85 -20.86 -19.54
N THR B 82 11.39 -19.96 -18.72
CA THR B 82 10.58 -18.94 -18.07
C THR B 82 11.19 -17.60 -18.43
N ALA B 83 10.35 -16.55 -18.49
CA ALA B 83 10.80 -15.17 -18.70
C ALA B 83 10.24 -14.27 -17.62
N LEU B 84 10.99 -13.22 -17.28
CA LEU B 84 10.49 -12.17 -16.43
C LEU B 84 10.39 -10.95 -17.28
N VAL B 85 9.21 -10.32 -17.31
CA VAL B 85 8.92 -9.13 -18.08
C VAL B 85 8.45 -8.00 -17.13
N GLN B 86 9.02 -6.80 -17.29
CA GLN B 86 8.58 -5.63 -16.55
C GLN B 86 8.45 -4.54 -17.56
N LEU B 87 7.22 -4.29 -17.93
CA LEU B 87 6.96 -3.31 -18.92
C LEU B 87 5.93 -2.36 -18.38
N PRO B 88 6.00 -1.08 -18.81
CA PRO B 88 4.97 -0.14 -18.39
C PRO B 88 3.71 -0.41 -19.22
N ASN B 89 2.67 0.42 -19.02
CA ASN B 89 1.42 0.24 -19.72
C ASN B 89 1.47 0.70 -21.15
N VAL B 90 2.20 -0.04 -21.99
CA VAL B 90 2.32 0.34 -23.40
C VAL B 90 1.91 -0.79 -24.28
N ALA B 91 1.54 -0.54 -25.52
CA ALA B 91 1.22 -1.65 -26.47
C ALA B 91 2.15 -2.86 -26.39
N GLU B 92 3.44 -2.62 -26.17
CA GLU B 92 4.41 -3.73 -26.20
C GLU B 92 4.13 -4.74 -25.10
N PHE B 93 3.39 -4.36 -24.07
CA PHE B 93 3.03 -5.36 -23.09
C PHE B 93 2.27 -6.56 -23.72
N TYR B 94 1.19 -6.28 -24.47
CA TYR B 94 0.40 -7.34 -25.08
C TYR B 94 1.18 -8.11 -26.13
N ILE B 95 1.81 -7.38 -27.08
CA ILE B 95 2.72 -7.97 -28.04
C ILE B 95 3.60 -8.96 -27.31
N VAL B 96 4.35 -8.50 -26.32
CA VAL B 96 5.26 -9.41 -25.63
C VAL B 96 4.46 -10.57 -25.07
N PHE B 97 3.41 -10.29 -24.32
CA PHE B 97 2.59 -11.30 -23.69
C PHE B 97 2.06 -12.38 -24.69
N PHE B 98 1.47 -11.99 -25.81
CA PHE B 98 1.20 -13.00 -26.80
C PHE B 98 2.41 -13.73 -27.44
N ALA B 99 3.59 -13.10 -27.53
CA ALA B 99 4.78 -13.78 -28.14
C ALA B 99 5.23 -14.94 -27.26
N LEU B 100 5.21 -14.66 -25.97
CA LEU B 100 5.59 -15.60 -24.98
C LEU B 100 4.65 -16.82 -24.91
N LEU B 101 3.35 -16.59 -25.05
CA LEU B 101 2.39 -17.68 -24.99
C LEU B 101 2.51 -18.47 -26.28
N LYS B 102 2.79 -17.77 -27.39
CA LYS B 102 2.91 -18.42 -28.69
C LYS B 102 4.13 -19.33 -28.70
N ALA B 103 5.20 -18.92 -28.02
CA ALA B 103 6.48 -19.62 -28.04
C ALA B 103 6.57 -20.72 -26.99
N GLY B 104 5.56 -20.78 -26.11
CA GLY B 104 5.57 -21.71 -25.00
C GLY B 104 6.51 -21.29 -23.88
N VAL B 105 6.72 -19.98 -23.72
CA VAL B 105 7.61 -19.58 -22.64
C VAL B 105 6.79 -19.11 -21.46
N VAL B 106 7.00 -19.67 -20.28
CA VAL B 106 6.12 -19.32 -19.17
C VAL B 106 6.54 -18.02 -18.52
N VAL B 107 5.66 -17.01 -18.52
CA VAL B 107 6.07 -15.66 -18.16
C VAL B 107 5.50 -15.17 -16.84
N LEU B 108 6.34 -14.57 -16.02
CA LEU B 108 5.86 -13.83 -14.86
C LEU B 108 6.02 -12.39 -15.29
N ASN B 109 4.89 -11.61 -15.31
CA ASN B 109 4.91 -10.16 -15.52
C ASN B 109 5.00 -9.40 -14.21
N ALA B 110 6.09 -8.69 -13.98
CA ALA B 110 6.24 -7.84 -12.79
C ALA B 110 5.46 -6.56 -12.97
N LEU B 111 5.05 -5.95 -11.86
CA LEU B 111 4.51 -4.59 -11.89
C LEU B 111 5.63 -3.61 -12.19
N TYR B 112 5.30 -2.58 -12.94
CA TYR B 112 6.26 -1.51 -13.21
C TYR B 112 6.76 -0.88 -11.88
N SER B 113 5.88 -0.87 -10.86
CA SER B 113 6.22 -0.30 -9.56
C SER B 113 7.14 -1.18 -8.73
N HIS B 114 7.45 -2.37 -9.22
CA HIS B 114 8.31 -3.28 -8.52
C HIS B 114 9.79 -2.87 -8.73
N ARG B 115 10.62 -3.20 -7.74
CA ARG B 115 12.01 -2.76 -7.67
C ARG B 115 12.94 -3.96 -7.63
N GLN B 116 14.23 -3.68 -7.44
CA GLN B 116 15.27 -4.70 -7.42
C GLN B 116 14.95 -5.78 -6.44
N TYR B 117 14.37 -5.43 -5.30
CA TYR B 117 14.12 -6.43 -4.26
C TYR B 117 13.14 -7.53 -4.70
N GLU B 118 12.07 -7.10 -5.36
CA GLU B 118 11.07 -8.04 -5.83
C GLU B 118 11.55 -8.80 -7.07
N LEU B 119 12.05 -8.07 -8.06
CA LEU B 119 12.68 -8.67 -9.19
C LEU B 119 13.72 -9.74 -8.82
N ASN B 120 14.51 -9.49 -7.78
CA ASN B 120 15.47 -10.49 -7.32
C ASN B 120 14.78 -11.75 -6.86
N ALA B 121 13.73 -11.59 -6.07
CA ALA B 121 13.00 -12.72 -5.55
C ALA B 121 12.46 -13.50 -6.75
N PHE B 122 11.84 -12.79 -7.68
CA PHE B 122 11.25 -13.37 -8.85
C PHE B 122 12.28 -14.19 -9.60
N ILE B 123 13.44 -13.59 -9.89
CA ILE B 123 14.54 -14.27 -10.58
C ILE B 123 15.09 -15.52 -9.83
N LYS B 124 15.45 -15.38 -8.56
CA LYS B 124 15.86 -16.56 -7.79
C LYS B 124 14.81 -17.64 -8.05
N GLN B 125 13.56 -17.33 -7.76
CA GLN B 125 12.44 -18.30 -7.89
C GLN B 125 12.15 -19.05 -9.23
N ILE B 126 12.18 -18.39 -10.37
CA ILE B 126 11.77 -19.02 -11.64
C ILE B 126 12.92 -19.14 -12.61
N GLN B 127 14.07 -18.56 -12.27
CA GLN B 127 15.32 -18.72 -13.04
C GLN B 127 15.10 -18.43 -14.54
N PRO B 128 14.72 -17.20 -14.86
CA PRO B 128 14.29 -16.99 -16.22
C PRO B 128 15.49 -17.01 -17.12
N LYS B 129 15.30 -17.39 -18.38
CA LYS B 129 16.33 -17.31 -19.44
C LYS B 129 16.14 -16.05 -20.23
N LEU B 130 14.98 -15.42 -20.08
CA LEU B 130 14.67 -14.18 -20.81
C LEU B 130 14.22 -13.15 -19.78
N LEU B 131 14.66 -11.93 -19.97
CA LEU B 131 14.30 -10.80 -19.15
C LEU B 131 14.07 -9.65 -20.10
N ILE B 132 12.95 -8.95 -19.88
CA ILE B 132 12.55 -7.87 -20.74
C ILE B 132 12.21 -6.73 -19.80
N GLY B 133 12.77 -5.56 -20.11
CA GLY B 133 12.76 -4.42 -19.21
C GLY B 133 12.74 -3.12 -19.96
N SER B 134 12.91 -2.03 -19.22
CA SER B 134 12.92 -0.72 -19.81
C SER B 134 14.03 0.09 -19.17
N ARG B 135 14.79 0.74 -20.04
CA ARG B 135 15.90 1.61 -19.62
C ARG B 135 15.41 2.87 -18.89
N GLN B 136 14.14 3.24 -19.06
CA GLN B 136 13.58 4.37 -18.32
C GLN B 136 13.24 4.08 -16.82
N HIS B 137 13.43 2.83 -16.40
CA HIS B 137 13.04 2.34 -15.06
C HIS B 137 14.23 2.34 -14.10
N GLU B 138 13.97 2.76 -12.85
CA GLU B 138 15.01 2.91 -11.82
C GLU B 138 15.98 1.73 -11.74
N VAL B 139 15.51 0.51 -11.99
CA VAL B 139 16.36 -0.67 -11.87
C VAL B 139 17.38 -0.83 -13.01
N PHE B 140 17.09 -0.28 -14.17
CA PHE B 140 17.90 -0.59 -15.34
C PHE B 140 18.66 0.64 -15.85
N SER B 141 18.47 1.74 -15.13
CA SER B 141 19.21 3.00 -15.32
C SER B 141 20.69 2.78 -15.66
N ASN B 142 21.23 1.70 -15.11
CA ASN B 142 22.59 1.25 -15.30
C ASN B 142 22.52 -0.26 -15.14
N ASN B 143 23.69 -0.90 -15.09
CA ASN B 143 23.77 -2.35 -15.13
C ASN B 143 24.19 -2.95 -13.81
N GLN B 144 24.10 -2.16 -12.75
CA GLN B 144 24.38 -2.68 -11.41
C GLN B 144 23.49 -3.91 -11.12
N PHE B 145 22.17 -3.78 -11.34
CA PHE B 145 21.28 -4.91 -11.09
C PHE B 145 21.58 -6.10 -12.00
N ILE B 146 21.66 -5.82 -13.30
CA ILE B 146 22.01 -6.85 -14.29
C ILE B 146 23.34 -7.59 -13.94
N ASP B 147 24.42 -6.83 -13.75
CA ASP B 147 25.72 -7.42 -13.45
C ASP B 147 25.58 -8.25 -12.21
N SER B 148 24.90 -7.68 -11.19
CA SER B 148 24.70 -8.35 -9.89
C SER B 148 24.23 -9.78 -10.06
N LEU B 149 23.45 -10.02 -11.12
CA LEU B 149 22.94 -11.36 -11.40
C LEU B 149 24.07 -12.35 -11.70
N HIS B 150 24.95 -11.99 -12.66
CA HIS B 150 26.10 -12.85 -13.05
C HIS B 150 26.78 -13.44 -11.81
N ASP B 151 27.08 -12.59 -10.82
CA ASP B 151 27.64 -13.02 -9.52
C ASP B 151 26.87 -14.21 -8.98
N VAL B 152 25.61 -13.99 -8.58
CA VAL B 152 24.81 -15.03 -7.90
C VAL B 152 24.47 -16.22 -8.82
N ASN B 153 24.92 -16.15 -10.08
CA ASN B 153 24.81 -17.25 -11.08
C ASN B 153 23.41 -17.39 -11.68
N LEU B 154 22.83 -16.26 -12.07
CA LEU B 154 21.42 -16.24 -12.50
C LEU B 154 21.23 -15.29 -13.67
N SER B 155 22.27 -15.11 -14.47
CA SER B 155 22.13 -14.32 -15.70
C SER B 155 21.10 -14.98 -16.65
N PRO B 156 20.08 -14.21 -17.05
CA PRO B 156 19.31 -14.60 -18.20
C PRO B 156 20.23 -14.80 -19.42
N GLU B 157 19.74 -15.51 -20.43
CA GLU B 157 20.50 -15.69 -21.66
C GLU B 157 20.28 -14.51 -22.53
N ILE B 158 19.07 -13.97 -22.48
CA ILE B 158 18.67 -12.85 -23.34
C ILE B 158 18.05 -11.74 -22.54
N ILE B 159 18.50 -10.51 -22.80
CA ILE B 159 17.92 -9.32 -22.19
C ILE B 159 17.42 -8.42 -23.32
N LEU B 160 16.17 -7.95 -23.24
CA LEU B 160 15.64 -7.01 -24.22
C LEU B 160 15.15 -5.71 -23.57
N MET B 161 15.48 -4.57 -24.17
CA MET B 161 15.17 -3.32 -23.54
C MET B 161 14.25 -2.44 -24.33
N LEU B 162 13.21 -1.98 -23.65
CA LEU B 162 12.38 -0.92 -24.21
C LEU B 162 13.14 0.36 -23.93
N ASN B 163 12.79 1.44 -24.67
CA ASN B 163 13.49 2.74 -24.56
C ASN B 163 15.00 2.48 -24.34
N HIS B 164 15.49 1.51 -25.11
CA HIS B 164 16.86 1.06 -25.12
C HIS B 164 17.86 2.13 -25.63
N GLN B 165 19.06 1.93 -25.12
CA GLN B 165 20.16 2.85 -25.26
C GLN B 165 21.15 2.01 -26.02
N ALA B 166 22.23 2.64 -26.50
CA ALA B 166 23.48 1.93 -26.89
C ALA B 166 23.62 0.45 -26.40
N THR B 167 24.14 -0.40 -27.29
CA THR B 167 24.41 -1.84 -27.01
C THR B 167 23.35 -2.74 -26.32
N ASP B 168 22.12 -2.23 -26.11
CA ASP B 168 21.03 -3.11 -25.69
C ASP B 168 20.54 -3.88 -26.91
N PHE B 169 20.05 -5.11 -26.71
CA PHE B 169 19.14 -5.71 -27.69
C PHE B 169 17.82 -4.92 -27.59
N GLY B 170 17.37 -4.29 -28.67
CA GLY B 170 16.15 -3.50 -28.63
C GLY B 170 14.87 -4.34 -28.62
N LEU B 171 14.00 -4.11 -27.63
CA LEU B 171 12.71 -4.79 -27.60
C LEU B 171 11.97 -4.54 -28.90
N LEU B 172 11.81 -3.28 -29.23
CA LEU B 172 11.11 -2.95 -30.47
C LEU B 172 11.71 -3.65 -31.72
N ASP B 173 13.02 -3.87 -31.71
CA ASP B 173 13.73 -4.44 -32.84
C ASP B 173 13.43 -5.93 -33.01
N TRP B 174 13.34 -6.65 -31.90
CA TRP B 174 12.95 -8.03 -31.94
C TRP B 174 11.46 -8.22 -32.19
N ILE B 175 10.68 -7.14 -32.27
CA ILE B 175 9.27 -7.23 -32.59
C ILE B 175 9.01 -6.88 -34.04
N GLU B 176 9.74 -5.88 -34.56
CA GLU B 176 9.46 -5.30 -35.89
C GLU B 176 9.55 -6.35 -37.00
N THR B 177 10.54 -7.24 -36.96
CA THR B 177 10.68 -8.24 -38.02
C THR B 177 10.83 -9.67 -37.48
N PRO B 178 10.26 -10.66 -38.21
CA PRO B 178 10.39 -12.06 -37.82
C PRO B 178 11.82 -12.48 -37.96
N ALA B 179 12.19 -13.66 -37.44
CA ALA B 179 13.57 -14.16 -37.52
C ALA B 179 13.96 -14.67 -38.90
N GLU B 180 15.28 -14.84 -39.11
CA GLU B 180 15.83 -15.27 -40.41
C GLU B 180 15.62 -16.78 -40.64
N THR B 181 16.23 -17.61 -39.78
CA THR B 181 15.98 -19.07 -39.74
C THR B 181 14.55 -19.43 -39.25
N PHE B 182 14.11 -20.67 -39.48
CA PHE B 182 12.85 -21.17 -38.90
C PHE B 182 13.15 -22.28 -37.90
N VAL B 183 12.94 -21.98 -36.61
CA VAL B 183 12.81 -23.03 -35.60
C VAL B 183 11.33 -23.14 -35.24
N ASP B 184 10.98 -24.30 -34.71
CA ASP B 184 9.61 -24.70 -34.38
C ASP B 184 9.26 -24.30 -32.95
N PHE B 185 8.02 -23.89 -32.76
CA PHE B 185 7.51 -23.55 -31.45
C PHE B 185 6.00 -23.74 -31.40
N SER B 186 5.53 -23.94 -30.17
CA SER B 186 4.10 -23.99 -29.92
C SER B 186 3.87 -23.57 -28.47
N SER B 187 2.60 -23.35 -28.15
CA SER B 187 2.20 -22.95 -26.81
C SER B 187 2.44 -24.11 -25.88
N THR B 188 2.34 -23.87 -24.59
CA THR B 188 2.43 -24.99 -23.67
C THR B 188 1.06 -25.64 -23.75
N PRO B 189 0.92 -26.93 -23.42
CA PRO B 189 -0.45 -27.51 -23.56
C PRO B 189 -1.53 -26.80 -22.73
N ALA B 190 -2.78 -26.91 -23.15
CA ALA B 190 -3.84 -26.14 -22.53
C ALA B 190 -4.06 -26.33 -21.01
N ASP B 191 -3.75 -27.52 -20.50
CA ASP B 191 -3.96 -27.91 -19.12
C ASP B 191 -2.66 -27.86 -18.38
N GLU B 192 -1.71 -27.13 -18.94
CA GLU B 192 -0.41 -26.87 -18.31
C GLU B 192 -0.19 -25.35 -18.05
N VAL B 193 0.72 -25.00 -17.13
CA VAL B 193 1.04 -23.56 -16.86
C VAL B 193 1.29 -22.78 -18.13
N ALA B 194 0.53 -21.68 -18.26
CA ALA B 194 0.69 -20.73 -19.34
C ALA B 194 1.54 -19.55 -18.91
N PHE B 195 1.32 -19.07 -17.68
CA PHE B 195 2.05 -17.91 -17.10
C PHE B 195 1.85 -17.79 -15.58
N PHE B 196 2.58 -16.92 -14.91
CA PHE B 196 2.32 -16.71 -13.49
C PHE B 196 1.59 -15.40 -13.20
N GLN B 197 0.52 -15.50 -12.43
CA GLN B 197 -0.07 -14.35 -11.80
C GLN B 197 0.65 -14.14 -10.48
N LEU B 198 0.50 -12.97 -9.87
CA LEU B 198 1.07 -12.75 -8.52
C LEU B 198 -0.01 -12.44 -7.52
N SER B 199 0.17 -12.81 -6.26
CA SER B 199 -0.80 -12.41 -5.25
C SER B 199 -0.62 -11.00 -4.73
N GLY B 200 -1.70 -10.40 -4.27
CA GLY B 200 -1.70 -9.05 -3.73
C GLY B 200 -1.85 -8.96 -2.22
N GLY B 201 -2.22 -10.09 -1.60
CA GLY B 201 -2.38 -10.20 -0.13
C GLY B 201 -1.24 -10.91 0.62
N SER B 202 0.01 -10.59 0.25
CA SER B 202 1.18 -11.14 0.95
C SER B 202 1.91 -10.07 1.78
N THR B 203 2.48 -10.51 2.91
CA THR B 203 3.54 -9.77 3.55
C THR B 203 4.79 -10.36 2.94
N GLY B 204 5.65 -9.49 2.42
CA GLY B 204 6.78 -9.96 1.64
C GLY B 204 6.50 -9.85 0.15
N THR B 205 7.41 -10.41 -0.62
CA THR B 205 7.25 -10.47 -2.08
C THR B 205 5.99 -11.25 -2.44
N PRO B 206 5.32 -10.86 -3.54
CA PRO B 206 4.14 -11.59 -4.00
C PRO B 206 4.43 -13.04 -4.41
N LYS B 207 3.62 -13.98 -3.90
CA LYS B 207 3.75 -15.42 -4.24
C LYS B 207 3.33 -15.67 -5.72
N LEU B 208 3.82 -16.74 -6.32
CA LEU B 208 3.56 -16.98 -7.74
C LEU B 208 2.46 -17.98 -7.84
N ILE B 209 1.50 -17.63 -8.70
CA ILE B 209 0.26 -18.35 -8.94
C ILE B 209 0.29 -18.86 -10.37
N PRO B 210 0.55 -20.17 -10.57
CA PRO B 210 0.44 -20.70 -11.91
C PRO B 210 -0.99 -20.61 -12.37
N ARG B 211 -1.20 -20.25 -13.62
CA ARG B 211 -2.51 -20.20 -14.24
C ARG B 211 -2.35 -20.94 -15.57
N THR B 212 -3.30 -21.81 -15.90
CA THR B 212 -3.20 -22.57 -17.14
C THR B 212 -3.93 -21.84 -18.25
N HIS B 213 -3.74 -22.27 -19.50
CA HIS B 213 -4.52 -21.74 -20.58
C HIS B 213 -5.98 -22.03 -20.34
N ASN B 214 -6.33 -23.22 -19.82
CA ASN B 214 -7.76 -23.56 -19.72
C ASN B 214 -8.44 -22.65 -18.73
N ASP B 215 -7.86 -22.50 -17.54
CA ASP B 215 -8.61 -21.85 -16.49
C ASP B 215 -8.65 -20.38 -16.77
N TYR B 216 -7.55 -19.82 -17.31
CA TYR B 216 -7.52 -18.38 -17.51
C TYR B 216 -8.44 -18.00 -18.63
N ASP B 217 -8.32 -18.71 -19.76
CA ASP B 217 -9.18 -18.46 -20.94
C ASP B 217 -10.67 -18.62 -20.56
N TYR B 218 -11.00 -19.61 -19.73
CA TYR B 218 -12.37 -19.71 -19.29
C TYR B 218 -12.85 -18.47 -18.56
N SER B 219 -12.08 -18.05 -17.55
CA SER B 219 -12.46 -16.85 -16.80
C SER B 219 -12.57 -15.59 -17.64
N VAL B 220 -11.67 -15.44 -18.62
CA VAL B 220 -11.77 -14.36 -19.58
C VAL B 220 -13.06 -14.48 -20.36
N ARG B 221 -13.26 -15.59 -21.06
CA ARG B 221 -14.46 -15.77 -21.88
C ARG B 221 -15.78 -15.54 -21.11
N ALA B 222 -15.90 -16.07 -19.90
CA ALA B 222 -17.11 -15.88 -19.14
C ALA B 222 -17.20 -14.46 -18.54
N SER B 223 -16.07 -13.81 -18.30
CA SER B 223 -16.12 -12.44 -17.84
C SER B 223 -16.55 -11.53 -18.98
N ALA B 224 -16.04 -11.72 -20.18
CA ALA B 224 -16.58 -10.85 -21.28
C ALA B 224 -18.12 -10.89 -21.36
N GLU B 225 -18.69 -12.08 -21.19
CA GLU B 225 -20.10 -12.27 -21.43
C GLU B 225 -20.92 -11.60 -20.30
N ILE B 226 -20.54 -11.88 -19.04
CA ILE B 226 -21.17 -11.25 -17.87
C ILE B 226 -21.11 -9.71 -17.97
N CYS B 227 -20.00 -9.19 -18.50
CA CYS B 227 -19.83 -7.74 -18.62
C CYS B 227 -20.38 -7.18 -19.93
N GLY B 228 -21.00 -8.01 -20.76
CA GLY B 228 -21.60 -7.54 -22.02
C GLY B 228 -20.59 -6.92 -22.97
N LEU B 229 -19.41 -7.49 -23.07
CA LEU B 229 -18.43 -6.89 -23.93
C LEU B 229 -18.82 -7.20 -25.38
N ASN B 230 -18.42 -6.32 -26.29
CA ASN B 230 -18.61 -6.56 -27.72
C ASN B 230 -17.59 -5.73 -28.51
N SER B 231 -17.68 -5.69 -29.81
CA SER B 231 -16.59 -5.07 -30.58
C SER B 231 -16.68 -3.54 -30.61
N ASN B 232 -17.68 -2.97 -29.92
CA ASN B 232 -17.67 -1.52 -29.73
C ASN B 232 -17.13 -1.13 -28.38
N THR B 233 -16.86 -2.13 -27.53
CA THR B 233 -16.28 -1.86 -26.22
C THR B 233 -14.90 -1.29 -26.44
N ARG B 234 -14.61 -0.19 -25.73
CA ARG B 234 -13.31 0.43 -25.75
C ARG B 234 -12.94 0.68 -24.29
N LEU B 235 -11.96 -0.09 -23.85
CA LEU B 235 -11.64 -0.16 -22.44
C LEU B 235 -10.29 0.47 -22.16
N LEU B 236 -10.31 1.29 -21.11
CA LEU B 236 -9.18 2.03 -20.65
C LEU B 236 -8.36 1.13 -19.72
N CYS B 237 -7.04 1.02 -19.95
CA CYS B 237 -6.18 0.39 -18.95
C CYS B 237 -5.44 1.42 -18.19
N ALA B 238 -6.09 1.97 -17.15
CA ALA B 238 -5.38 2.91 -16.28
C ALA B 238 -4.61 2.16 -15.18
N LEU B 239 -5.14 1.02 -14.75
CA LEU B 239 -4.51 0.16 -13.77
C LEU B 239 -3.34 -0.56 -14.41
N PRO B 240 -2.47 -1.20 -13.59
CA PRO B 240 -1.34 -1.83 -14.22
C PRO B 240 -1.74 -2.99 -15.16
N ALA B 241 -1.21 -2.97 -16.39
CA ALA B 241 -1.61 -3.97 -17.39
C ALA B 241 -1.63 -5.45 -16.90
N PRO B 242 -0.58 -5.85 -16.19
CA PRO B 242 -0.44 -7.23 -15.72
C PRO B 242 -1.31 -7.62 -14.54
N HIS B 243 -2.02 -6.70 -13.90
CA HIS B 243 -2.87 -7.08 -12.74
C HIS B 243 -4.05 -7.90 -13.19
N ASN B 244 -4.42 -8.89 -12.38
CA ASN B 244 -5.45 -9.84 -12.76
C ASN B 244 -6.77 -9.20 -13.12
N PHE B 245 -7.10 -8.09 -12.47
CA PHE B 245 -8.31 -7.32 -12.71
C PHE B 245 -8.23 -6.67 -14.09
N MET B 246 -7.19 -5.86 -14.31
CA MET B 246 -6.98 -5.14 -15.54
C MET B 246 -6.75 -6.04 -16.74
N LEU B 247 -6.22 -7.26 -16.49
CA LEU B 247 -5.94 -8.23 -17.56
C LEU B 247 -7.09 -9.19 -17.89
N SER B 248 -7.87 -9.59 -16.89
CA SER B 248 -8.82 -10.69 -17.15
C SER B 248 -10.18 -10.56 -16.60
N SER B 249 -10.48 -9.47 -15.91
CA SER B 249 -11.72 -9.39 -15.16
C SER B 249 -12.65 -8.26 -15.48
N PRO B 250 -13.00 -8.05 -16.77
CA PRO B 250 -12.71 -8.82 -17.98
C PRO B 250 -11.39 -8.39 -18.61
N GLY B 251 -11.00 -7.15 -18.34
CA GLY B 251 -9.68 -6.68 -18.71
C GLY B 251 -9.38 -6.66 -20.18
N ALA B 252 -8.12 -6.49 -20.52
CA ALA B 252 -7.75 -6.43 -21.92
C ALA B 252 -8.01 -7.75 -22.65
N LEU B 253 -7.71 -8.89 -22.04
CA LEU B 253 -8.08 -10.17 -22.63
C LEU B 253 -9.57 -10.38 -22.96
N GLY B 254 -10.47 -10.08 -22.02
CA GLY B 254 -11.91 -10.23 -22.28
C GLY B 254 -12.35 -9.35 -23.44
N VAL B 255 -11.78 -8.14 -23.52
CA VAL B 255 -12.13 -7.24 -24.59
C VAL B 255 -11.63 -7.73 -25.96
N LEU B 256 -10.44 -8.30 -26.00
CA LEU B 256 -9.86 -8.78 -27.23
C LEU B 256 -10.69 -9.99 -27.64
N HIS B 257 -11.08 -10.82 -26.66
CA HIS B 257 -11.98 -11.93 -26.91
C HIS B 257 -13.26 -11.46 -27.51
N ALA B 258 -13.69 -10.25 -27.13
CA ALA B 258 -14.94 -9.67 -27.62
C ALA B 258 -14.78 -8.90 -28.92
N GLY B 259 -13.54 -8.81 -29.41
CA GLY B 259 -13.22 -8.05 -30.59
C GLY B 259 -13.15 -6.56 -30.35
N GLY B 260 -12.98 -6.15 -29.10
CA GLY B 260 -12.96 -4.72 -28.77
C GLY B 260 -11.62 -4.02 -28.95
N CYS B 261 -11.52 -2.85 -28.36
CA CYS B 261 -10.27 -2.12 -28.40
C CYS B 261 -9.88 -1.68 -26.98
N VAL B 262 -8.66 -2.04 -26.62
CA VAL B 262 -8.04 -1.64 -25.38
C VAL B 262 -7.33 -0.29 -25.62
N VAL B 263 -7.57 0.67 -24.71
CA VAL B 263 -7.03 2.03 -24.83
C VAL B 263 -6.10 2.25 -23.66
N MET B 264 -4.81 2.46 -23.95
CA MET B 264 -3.74 2.49 -22.95
C MET B 264 -3.68 3.80 -22.16
N ALA B 265 -3.26 3.75 -20.88
CA ALA B 265 -2.95 4.96 -20.09
C ALA B 265 -1.85 4.67 -19.11
N PRO B 266 -0.96 5.66 -18.86
CA PRO B 266 0.17 5.40 -17.98
C PRO B 266 -0.25 5.05 -16.57
N ASN B 267 -1.31 5.70 -16.06
CA ASN B 267 -1.83 5.45 -14.69
C ASN B 267 -3.22 6.00 -14.48
N PRO B 268 -3.78 5.89 -13.26
CA PRO B 268 -5.15 6.50 -13.18
C PRO B 268 -5.24 8.02 -12.85
N GLU B 269 -4.16 8.78 -12.97
CA GLU B 269 -4.27 10.21 -12.68
C GLU B 269 -5.47 10.73 -13.46
N PRO B 270 -6.39 11.42 -12.80
CA PRO B 270 -7.60 11.75 -13.56
C PRO B 270 -7.40 12.71 -14.77
N LEU B 271 -6.59 13.74 -14.63
CA LEU B 271 -6.50 14.67 -15.77
C LEU B 271 -6.08 13.96 -17.05
N ASN B 272 -5.02 13.16 -17.00
CA ASN B 272 -4.65 12.36 -18.19
C ASN B 272 -5.80 11.41 -18.66
N CYS B 273 -6.32 10.57 -17.77
CA CYS B 273 -7.42 9.68 -18.13
C CYS B 273 -8.59 10.38 -18.83
N PHE B 274 -8.99 11.50 -18.28
CA PHE B 274 -10.08 12.24 -18.83
C PHE B 274 -9.78 12.60 -20.30
N SER B 275 -8.55 12.99 -20.64
CA SER B 275 -8.19 13.29 -22.03
C SER B 275 -8.32 12.13 -22.96
N ILE B 276 -7.66 11.02 -22.56
CA ILE B 276 -7.68 9.74 -23.24
C ILE B 276 -9.13 9.26 -23.38
N ILE B 277 -9.86 9.19 -22.27
CA ILE B 277 -11.29 8.93 -22.40
C ILE B 277 -11.96 9.77 -23.53
N GLN B 278 -11.76 11.08 -23.56
CA GLN B 278 -12.42 11.89 -24.58
C GLN B 278 -11.79 11.69 -25.98
N ARG B 279 -10.49 11.82 -26.04
CA ARG B 279 -9.79 11.66 -27.30
C ARG B 279 -10.23 10.46 -28.14
N HIS B 280 -10.40 9.30 -27.48
CA HIS B 280 -10.65 7.99 -28.11
C HIS B 280 -12.00 7.38 -27.78
N GLN B 281 -12.83 8.12 -27.08
CA GLN B 281 -14.23 7.73 -26.89
C GLN B 281 -14.34 6.38 -26.20
N VAL B 282 -13.59 6.24 -25.12
CA VAL B 282 -13.66 5.13 -24.18
C VAL B 282 -15.02 5.06 -23.54
N ASN B 283 -15.67 3.92 -23.64
CA ASN B 283 -16.94 3.66 -22.90
C ASN B 283 -16.82 2.71 -21.74
N MET B 284 -15.62 2.17 -21.48
CA MET B 284 -15.46 1.34 -20.26
C MET B 284 -14.14 1.53 -19.52
N ALA B 285 -14.21 1.57 -18.19
CA ALA B 285 -12.97 1.72 -17.42
C ALA B 285 -12.97 0.87 -16.16
N SER B 286 -11.78 0.58 -15.62
CA SER B 286 -11.69 -0.19 -14.39
C SER B 286 -10.73 0.46 -13.38
N LEU B 287 -11.14 0.45 -12.11
CA LEU B 287 -10.45 1.24 -11.13
C LEU B 287 -10.54 0.59 -9.78
N VAL B 288 -9.59 1.00 -8.93
CA VAL B 288 -9.64 0.72 -7.49
C VAL B 288 -10.24 1.92 -6.76
N PRO B 289 -10.89 1.68 -5.61
CA PRO B 289 -11.46 2.80 -4.83
C PRO B 289 -10.53 4.03 -4.75
N SER B 290 -9.26 3.85 -4.39
CA SER B 290 -8.42 5.04 -4.28
C SER B 290 -8.47 5.88 -5.56
N ALA B 291 -8.50 5.26 -6.75
CA ALA B 291 -8.54 6.03 -8.00
C ALA B 291 -9.93 6.65 -8.21
N VAL B 292 -10.99 5.89 -7.91
CA VAL B 292 -12.34 6.40 -8.04
C VAL B 292 -12.46 7.75 -7.34
N ILE B 293 -11.98 7.79 -6.10
CA ILE B 293 -12.00 9.01 -5.31
C ILE B 293 -11.30 10.18 -6.03
N MET B 294 -10.16 9.93 -6.69
CA MET B 294 -9.43 10.97 -7.41
C MET B 294 -10.25 11.45 -8.56
N TRP B 295 -11.11 10.59 -9.10
CA TRP B 295 -11.88 10.95 -10.28
C TRP B 295 -13.09 11.73 -9.81
N LEU B 296 -13.75 11.25 -8.75
CA LEU B 296 -14.89 11.94 -8.18
C LEU B 296 -14.61 13.41 -7.79
N GLU B 297 -13.42 13.68 -7.22
CA GLU B 297 -13.04 15.05 -6.83
C GLU B 297 -12.72 15.92 -8.04
N LYS B 298 -12.64 15.36 -9.26
CA LYS B 298 -12.38 16.20 -10.42
C LYS B 298 -13.48 16.10 -11.47
N ALA B 299 -14.36 15.13 -11.33
CA ALA B 299 -15.38 14.94 -12.36
C ALA B 299 -16.22 16.21 -12.56
N ALA B 300 -16.44 16.96 -11.47
CA ALA B 300 -17.21 18.22 -11.46
C ALA B 300 -16.89 19.07 -12.68
N GLN B 301 -15.66 19.57 -12.75
CA GLN B 301 -15.21 20.41 -13.87
C GLN B 301 -15.07 19.67 -15.24
N TYR B 302 -15.22 18.34 -15.29
CA TYR B 302 -14.94 17.63 -16.53
C TYR B 302 -16.00 16.68 -17.08
N LYS B 303 -17.22 16.85 -16.61
CA LYS B 303 -18.30 16.00 -17.03
C LYS B 303 -18.26 15.76 -18.56
N ASP B 304 -18.01 16.79 -19.37
CA ASP B 304 -17.91 16.60 -20.83
C ASP B 304 -16.83 15.59 -21.27
N GLN B 305 -15.64 15.66 -20.68
CA GLN B 305 -14.56 14.83 -21.16
C GLN B 305 -14.77 13.34 -21.02
N ILE B 306 -15.59 12.96 -20.04
CA ILE B 306 -15.84 11.58 -19.69
C ILE B 306 -17.28 11.14 -20.00
N GLN B 307 -17.96 11.88 -20.87
CA GLN B 307 -19.33 11.45 -21.12
C GLN B 307 -19.45 10.10 -21.83
N SER B 308 -18.50 9.78 -22.72
CA SER B 308 -18.49 8.49 -23.43
C SER B 308 -18.56 7.21 -22.57
N LEU B 309 -17.96 7.24 -21.37
CA LEU B 309 -18.08 6.14 -20.40
C LEU B 309 -19.49 5.67 -20.22
N LYS B 310 -19.71 4.37 -20.41
CA LYS B 310 -21.02 3.78 -20.17
C LYS B 310 -20.92 2.86 -18.95
N LEU B 311 -19.71 2.39 -18.67
CA LEU B 311 -19.48 1.41 -17.61
C LEU B 311 -18.16 1.54 -16.84
N LEU B 312 -18.29 1.62 -15.53
CA LEU B 312 -17.11 1.61 -14.67
C LEU B 312 -17.13 0.43 -13.73
N GLN B 313 -16.04 -0.28 -13.65
CA GLN B 313 -15.90 -1.32 -12.70
C GLN B 313 -15.01 -0.86 -11.57
N VAL B 314 -15.39 -1.22 -10.35
CA VAL B 314 -14.57 -0.95 -9.18
C VAL B 314 -14.26 -2.25 -8.45
N GLY B 315 -12.98 -2.47 -8.20
CA GLY B 315 -12.55 -3.62 -7.41
C GLY B 315 -11.17 -3.43 -6.80
N GLY B 316 -10.74 -4.42 -6.03
CA GLY B 316 -9.38 -4.46 -5.54
C GLY B 316 -9.26 -4.20 -4.06
N ALA B 317 -10.24 -3.48 -3.52
CA ALA B 317 -10.23 -3.07 -2.14
C ALA B 317 -11.64 -2.63 -1.80
N SER B 318 -11.84 -2.39 -0.52
CA SER B 318 -13.07 -1.91 0.09
C SER B 318 -13.68 -0.68 -0.55
N PHE B 319 -14.93 -0.84 -0.98
CA PHE B 319 -15.70 0.20 -1.68
C PHE B 319 -17.06 0.47 -0.98
N PRO B 320 -17.10 1.48 -0.12
CA PRO B 320 -18.34 1.70 0.65
C PRO B 320 -19.55 2.25 -0.14
N GLU B 321 -20.75 1.97 0.36
CA GLU B 321 -21.99 2.41 -0.26
C GLU B 321 -21.96 3.91 -0.67
N SER B 322 -21.53 4.79 0.24
CA SER B 322 -21.59 6.23 -0.08
C SER B 322 -20.68 6.58 -1.24
N LEU B 323 -19.66 5.77 -1.48
CA LEU B 323 -18.79 6.10 -2.59
C LEU B 323 -19.37 5.57 -3.88
N ALA B 324 -19.94 4.36 -3.78
CA ALA B 324 -20.52 3.64 -4.88
C ALA B 324 -21.67 4.41 -5.52
N ARG B 325 -22.68 4.81 -4.71
CA ARG B 325 -23.85 5.61 -5.16
C ARG B 325 -23.49 6.89 -5.94
N GLN B 326 -22.34 7.46 -5.61
CA GLN B 326 -21.87 8.64 -6.31
C GLN B 326 -21.37 8.43 -7.73
N VAL B 327 -21.06 7.18 -8.12
CA VAL B 327 -20.49 6.90 -9.45
C VAL B 327 -21.48 7.23 -10.57
N PRO B 328 -22.75 6.73 -10.48
CA PRO B 328 -23.72 7.10 -11.51
C PRO B 328 -23.96 8.62 -11.60
N GLU B 329 -24.13 9.30 -10.47
CA GLU B 329 -24.41 10.73 -10.45
C GLU B 329 -23.22 11.63 -10.88
N VAL B 330 -22.02 11.26 -10.49
CA VAL B 330 -20.91 12.17 -10.74
C VAL B 330 -20.13 11.81 -11.98
N LEU B 331 -20.14 10.53 -12.32
CA LEU B 331 -19.33 10.04 -13.43
C LEU B 331 -20.17 9.73 -14.67
N ASN B 332 -21.49 9.74 -14.48
CA ASN B 332 -22.45 9.56 -15.59
C ASN B 332 -22.19 8.29 -16.39
N CYS B 333 -22.06 7.21 -15.61
CA CYS B 333 -21.91 5.88 -16.16
C CYS B 333 -22.46 4.87 -15.17
N LYS B 334 -22.49 3.60 -15.55
CA LYS B 334 -22.99 2.58 -14.67
C LYS B 334 -21.85 1.90 -13.93
N LEU B 335 -22.21 1.36 -12.78
CA LEU B 335 -21.22 0.88 -11.86
C LEU B 335 -21.31 -0.64 -11.82
N GLN B 336 -20.17 -1.31 -11.82
CA GLN B 336 -20.14 -2.74 -11.62
C GLN B 336 -19.07 -3.01 -10.60
N GLN B 337 -19.45 -3.72 -9.57
CA GLN B 337 -18.54 -4.03 -8.50
C GLN B 337 -17.95 -5.42 -8.73
N VAL B 338 -16.64 -5.51 -8.63
CA VAL B 338 -15.95 -6.75 -8.93
C VAL B 338 -15.20 -7.13 -7.68
N PHE B 339 -15.49 -8.28 -7.07
CA PHE B 339 -14.63 -8.79 -5.98
C PHE B 339 -13.84 -10.03 -6.41
N GLY B 340 -12.55 -9.83 -6.69
CA GLY B 340 -11.73 -10.84 -7.36
C GLY B 340 -10.42 -11.09 -6.66
N MET B 341 -9.76 -12.22 -6.94
CA MET B 341 -8.42 -12.45 -6.41
C MET B 341 -7.55 -13.02 -7.54
N ALA B 342 -6.26 -12.76 -7.51
CA ALA B 342 -5.39 -13.33 -8.52
C ALA B 342 -5.35 -14.87 -8.45
N GLU B 343 -5.82 -15.42 -7.34
CA GLU B 343 -5.69 -16.85 -7.10
C GLU B 343 -6.79 -17.58 -7.84
N GLY B 344 -7.79 -16.81 -8.27
CA GLY B 344 -8.92 -17.41 -8.95
C GLY B 344 -10.22 -16.66 -8.96
N LEU B 345 -11.13 -17.12 -8.09
CA LEU B 345 -12.48 -16.67 -7.97
C LEU B 345 -12.71 -15.19 -8.17
N VAL B 346 -13.60 -14.83 -9.12
CA VAL B 346 -13.97 -13.45 -9.34
C VAL B 346 -15.47 -13.28 -9.24
N ASN B 347 -15.89 -12.24 -8.53
CA ASN B 347 -17.30 -11.90 -8.35
C ASN B 347 -17.67 -10.59 -9.08
N TYR B 348 -18.79 -10.63 -9.81
CA TYR B 348 -19.28 -9.45 -10.52
C TYR B 348 -20.68 -9.22 -10.03
N THR B 349 -21.04 -7.95 -9.86
CA THR B 349 -22.44 -7.55 -9.82
C THR B 349 -22.94 -7.57 -11.25
N ARG B 350 -24.20 -7.94 -11.47
CA ARG B 350 -24.61 -8.17 -12.86
C ARG B 350 -25.25 -6.91 -13.44
N LEU B 351 -25.35 -6.85 -14.76
CA LEU B 351 -25.73 -5.59 -15.39
C LEU B 351 -27.19 -5.27 -15.14
N ASP B 352 -27.94 -6.28 -14.69
CA ASP B 352 -29.38 -6.19 -14.45
C ASP B 352 -29.72 -6.42 -12.96
N ASP B 353 -28.70 -6.44 -12.11
CA ASP B 353 -28.92 -6.41 -10.68
C ASP B 353 -29.59 -5.09 -10.26
N SER B 354 -30.31 -5.16 -9.14
CA SER B 354 -30.94 -4.00 -8.55
C SER B 354 -29.91 -2.92 -8.14
N ASP B 355 -30.39 -1.68 -8.09
CA ASP B 355 -29.63 -0.60 -7.48
C ASP B 355 -29.07 -0.96 -6.10
N GLU B 356 -29.87 -1.63 -5.25
CA GLU B 356 -29.40 -2.08 -3.94
C GLU B 356 -28.20 -3.07 -4.01
N GLN B 357 -28.35 -4.16 -4.77
CA GLN B 357 -27.27 -5.13 -4.99
C GLN B 357 -25.96 -4.48 -5.50
N ILE B 358 -26.10 -3.66 -6.55
CA ILE B 358 -24.97 -3.04 -7.17
C ILE B 358 -24.34 -2.07 -6.21
N PHE B 359 -25.12 -1.38 -5.40
CA PHE B 359 -24.47 -0.37 -4.57
C PHE B 359 -23.96 -1.00 -3.30
N THR B 360 -24.51 -2.13 -2.87
CA THR B 360 -24.17 -2.63 -1.54
C THR B 360 -23.43 -3.98 -1.48
N THR B 361 -23.30 -4.64 -2.63
CA THR B 361 -22.58 -5.90 -2.67
C THR B 361 -21.42 -5.91 -3.68
N GLN B 362 -20.65 -6.99 -3.61
CA GLN B 362 -19.59 -7.20 -4.56
C GLN B 362 -19.95 -8.34 -5.52
N GLY B 363 -21.24 -8.50 -5.81
CA GLY B 363 -21.70 -9.44 -6.80
C GLY B 363 -21.60 -10.91 -6.42
N ARG B 364 -21.67 -11.76 -7.44
CA ARG B 364 -21.60 -13.21 -7.26
C ARG B 364 -20.67 -13.87 -8.30
N PRO B 365 -20.32 -15.16 -8.13
CA PRO B 365 -19.30 -15.80 -8.94
C PRO B 365 -19.53 -15.89 -10.46
N ILE B 366 -18.41 -16.01 -11.18
CA ILE B 366 -18.44 -16.23 -12.62
C ILE B 366 -19.25 -17.50 -12.92
N SER B 367 -19.11 -18.48 -12.03
CA SER B 367 -19.42 -19.84 -12.38
C SER B 367 -20.32 -20.59 -11.41
N SER B 368 -21.40 -21.15 -11.94
CA SER B 368 -22.30 -21.97 -11.15
C SER B 368 -21.50 -23.05 -10.47
N ASP B 369 -20.34 -23.38 -11.04
CA ASP B 369 -19.42 -24.29 -10.39
C ASP B 369 -18.30 -23.68 -9.55
N ASP B 370 -18.37 -22.37 -9.26
CA ASP B 370 -17.53 -21.77 -8.20
C ASP B 370 -18.14 -22.18 -6.86
N GLU B 371 -17.44 -23.02 -6.09
CA GLU B 371 -18.00 -23.54 -4.89
C GLU B 371 -17.51 -22.64 -3.78
N ILE B 372 -18.42 -22.28 -2.86
CA ILE B 372 -18.10 -21.38 -1.77
C ILE B 372 -18.59 -21.93 -0.42
N LYS B 373 -17.68 -21.96 0.55
CA LYS B 373 -18.05 -22.12 1.93
C LYS B 373 -17.67 -20.84 2.68
N ILE B 374 -18.60 -20.36 3.49
CA ILE B 374 -18.32 -19.29 4.45
C ILE B 374 -18.25 -19.90 5.86
N VAL B 375 -17.08 -19.92 6.47
CA VAL B 375 -16.86 -20.68 7.72
C VAL B 375 -16.29 -19.88 8.88
N ASP B 376 -16.35 -20.49 10.06
CA ASP B 376 -16.05 -19.80 11.32
C ASP B 376 -14.72 -20.31 11.86
N GLU B 377 -14.23 -19.74 12.97
CA GLU B 377 -12.94 -20.14 13.59
C GLU B 377 -12.74 -21.66 13.64
N GLN B 378 -13.83 -22.42 13.75
CA GLN B 378 -13.76 -23.88 13.91
C GLN B 378 -14.09 -24.62 12.59
N TYR B 379 -13.92 -23.91 11.47
CA TYR B 379 -14.21 -24.39 10.12
C TYR B 379 -15.60 -25.01 9.91
N ARG B 380 -16.61 -24.45 10.55
CA ARG B 380 -18.01 -24.86 10.27
C ARG B 380 -18.76 -23.76 9.50
N GLU B 381 -19.56 -24.16 8.52
CA GLU B 381 -20.38 -23.23 7.74
C GLU B 381 -21.28 -22.42 8.65
N VAL B 382 -21.30 -21.10 8.46
CA VAL B 382 -22.12 -20.20 9.26
C VAL B 382 -23.58 -20.24 8.78
N PRO B 383 -24.55 -19.86 9.65
CA PRO B 383 -25.94 -19.78 9.17
C PRO B 383 -26.03 -18.71 8.09
N GLU B 384 -26.85 -18.92 7.06
CA GLU B 384 -26.78 -18.01 5.91
C GLU B 384 -26.93 -16.58 6.40
N GLY B 385 -26.16 -15.66 5.81
CA GLY B 385 -26.23 -14.24 6.13
C GLY B 385 -25.20 -13.79 7.15
N GLU B 386 -24.64 -14.74 7.90
CA GLU B 386 -23.65 -14.36 8.89
C GLU B 386 -22.23 -14.27 8.28
N ILE B 387 -21.33 -13.66 9.02
CA ILE B 387 -19.99 -13.42 8.57
C ILE B 387 -19.11 -14.64 8.84
N GLY B 388 -18.26 -14.99 7.89
CA GLY B 388 -17.24 -15.99 8.11
C GLY B 388 -16.12 -15.85 7.09
N MET B 389 -15.24 -16.84 7.08
CA MET B 389 -14.09 -16.83 6.18
C MET B 389 -14.42 -17.42 4.80
N LEU B 390 -13.82 -16.86 3.77
CA LEU B 390 -14.08 -17.34 2.42
C LEU B 390 -13.26 -18.59 2.13
N ALA B 391 -13.89 -19.68 1.73
CA ALA B 391 -13.09 -20.80 1.25
C ALA B 391 -13.69 -21.15 -0.07
N THR B 392 -12.87 -21.40 -1.07
CA THR B 392 -13.39 -21.55 -2.43
C THR B 392 -12.55 -22.52 -3.24
N ARG B 393 -13.12 -23.06 -4.32
CA ARG B 393 -12.44 -23.93 -5.27
C ARG B 393 -13.42 -23.95 -6.41
N GLY B 394 -12.91 -24.03 -7.64
CA GLY B 394 -13.73 -23.71 -8.82
C GLY B 394 -12.90 -24.02 -10.01
N PRO B 395 -13.44 -23.81 -11.23
CA PRO B 395 -12.75 -24.19 -12.46
C PRO B 395 -11.59 -23.30 -12.90
N TYR B 396 -11.37 -22.20 -12.17
CA TYR B 396 -10.30 -21.24 -12.51
C TYR B 396 -9.62 -20.69 -11.24
N THR B 397 -9.89 -21.33 -10.09
CA THR B 397 -9.17 -21.09 -8.85
C THR B 397 -7.97 -22.07 -8.74
N PHE B 398 -6.76 -21.55 -8.57
CA PHE B 398 -5.49 -22.34 -8.55
C PHE B 398 -5.52 -23.39 -7.45
N CYS B 399 -4.55 -24.32 -7.41
CA CYS B 399 -4.51 -25.36 -6.35
C CYS B 399 -3.23 -25.35 -5.54
N GLY B 400 -2.35 -24.37 -5.80
CA GLY B 400 -1.23 -24.09 -4.93
C GLY B 400 -0.29 -23.08 -5.54
N TYR B 401 0.44 -22.38 -4.71
CA TYR B 401 1.42 -21.47 -5.19
C TYR B 401 2.63 -22.25 -5.70
N TYR B 402 3.41 -21.65 -6.59
CA TYR B 402 4.54 -22.33 -7.19
C TYR B 402 5.54 -22.64 -6.10
N GLN B 403 6.01 -23.90 -6.07
CA GLN B 403 7.12 -24.32 -5.20
C GLN B 403 6.90 -23.76 -3.80
N SER B 404 5.82 -24.17 -3.13
CA SER B 404 5.46 -23.56 -1.83
C SER B 404 4.67 -24.54 -0.98
N PRO B 405 5.20 -25.78 -0.84
CA PRO B 405 4.33 -26.80 -0.28
C PRO B 405 3.95 -26.47 1.15
N GLU B 406 4.85 -25.78 1.86
CA GLU B 406 4.63 -25.48 3.26
C GLU B 406 3.54 -24.42 3.35
N HIS B 407 3.63 -23.34 2.58
CA HIS B 407 2.53 -22.38 2.60
C HIS B 407 1.17 -22.95 2.06
N ASN B 408 1.23 -23.75 0.99
CA ASN B 408 0.04 -24.40 0.44
C ASN B 408 -0.83 -25.17 1.46
N SER B 409 -0.22 -25.86 2.41
CA SER B 409 -1.01 -26.58 3.41
C SER B 409 -1.63 -25.71 4.52
N GLN B 410 -1.16 -24.45 4.65
CA GLN B 410 -1.80 -23.50 5.56
C GLN B 410 -3.05 -22.86 4.97
N VAL B 411 -3.11 -22.83 3.64
CA VAL B 411 -4.16 -22.04 3.00
C VAL B 411 -5.14 -22.89 2.18
N PHE B 412 -4.84 -24.19 2.07
CA PHE B 412 -5.79 -25.19 1.55
C PHE B 412 -6.22 -26.18 2.62
N ASP B 413 -7.47 -26.62 2.52
CA ASP B 413 -8.01 -27.61 3.44
C ASP B 413 -7.94 -28.98 2.77
N GLU B 414 -8.41 -30.02 3.45
CA GLU B 414 -8.38 -31.42 2.96
C GLU B 414 -9.14 -31.56 1.65
N ASP B 415 -10.27 -30.86 1.55
CA ASP B 415 -11.09 -30.87 0.37
C ASP B 415 -10.59 -29.94 -0.73
N ASN B 416 -9.45 -29.27 -0.51
CA ASN B 416 -8.80 -28.44 -1.57
C ASN B 416 -9.42 -27.08 -1.86
N TYR B 417 -10.17 -26.58 -0.89
CA TYR B 417 -10.68 -25.22 -0.90
C TYR B 417 -9.55 -24.34 -0.50
N TYR B 418 -9.48 -23.18 -1.16
CA TYR B 418 -8.51 -22.18 -0.80
C TYR B 418 -9.14 -21.10 0.12
N TYR B 419 -8.47 -20.78 1.22
CA TYR B 419 -8.88 -19.69 2.14
C TYR B 419 -8.08 -18.41 1.87
N SER B 420 -8.71 -17.44 1.20
CA SER B 420 -8.06 -16.16 0.88
C SER B 420 -7.80 -15.26 2.08
N GLY B 421 -8.52 -15.53 3.17
CA GLY B 421 -8.45 -14.71 4.35
C GLY B 421 -9.40 -13.54 4.31
N ASP B 422 -10.34 -13.57 3.37
CA ASP B 422 -11.35 -12.54 3.32
C ASP B 422 -12.48 -12.88 4.27
N LEU B 423 -13.08 -11.86 4.85
CA LEU B 423 -14.33 -12.09 5.58
C LEU B 423 -15.53 -11.66 4.77
N VAL B 424 -16.46 -12.57 4.57
CA VAL B 424 -17.60 -12.26 3.70
C VAL B 424 -18.89 -12.68 4.36
N GLN B 425 -19.99 -12.29 3.74
CA GLN B 425 -21.30 -12.80 4.11
C GLN B 425 -22.18 -12.85 2.85
N ARG B 426 -22.97 -13.92 2.71
CA ARG B 426 -23.93 -13.99 1.61
C ARG B 426 -25.11 -13.14 2.01
N THR B 427 -25.60 -12.32 1.08
CA THR B 427 -26.76 -11.48 1.32
C THR B 427 -27.95 -12.22 0.72
N PRO B 428 -29.17 -12.00 1.28
CA PRO B 428 -30.38 -12.80 0.90
C PRO B 428 -30.58 -13.02 -0.62
N ASP B 429 -30.24 -11.99 -1.40
CA ASP B 429 -30.28 -12.02 -2.87
C ASP B 429 -29.27 -12.95 -3.62
N GLY B 430 -28.38 -13.65 -2.91
CA GLY B 430 -27.39 -14.53 -3.58
C GLY B 430 -25.97 -13.94 -3.71
N ASN B 431 -25.86 -12.60 -3.66
CA ASN B 431 -24.55 -11.90 -3.69
C ASN B 431 -23.67 -11.96 -2.42
N LEU B 432 -22.50 -11.33 -2.52
CA LEU B 432 -21.48 -11.36 -1.49
C LEU B 432 -21.07 -9.94 -1.15
N ARG B 433 -20.88 -9.74 0.15
CA ARG B 433 -20.40 -8.49 0.68
C ARG B 433 -19.04 -8.77 1.29
N VAL B 434 -17.99 -8.16 0.76
CA VAL B 434 -16.69 -8.25 1.43
C VAL B 434 -16.83 -7.34 2.66
N VAL B 435 -16.38 -7.83 3.79
CA VAL B 435 -16.74 -7.26 5.07
C VAL B 435 -15.52 -6.97 5.95
N GLY B 436 -14.46 -7.74 5.74
CA GLY B 436 -13.17 -7.54 6.36
C GLY B 436 -12.19 -8.62 5.95
N ARG B 437 -11.25 -8.95 6.83
CA ARG B 437 -10.04 -9.67 6.49
C ARG B 437 -9.60 -10.40 7.75
N ILE B 438 -8.94 -11.53 7.62
CA ILE B 438 -8.45 -12.31 8.78
C ILE B 438 -7.04 -12.95 8.55
N LYS B 439 -6.24 -13.00 9.60
CA LYS B 439 -4.92 -13.68 9.66
C LYS B 439 -5.02 -15.15 9.22
N ASP B 440 -3.94 -15.68 8.60
CA ASP B 440 -3.81 -17.14 8.31
C ASP B 440 -3.61 -17.94 9.60
S HP8 C . -1.58 3.44 11.97
N1 HP8 C . -0.21 -6.20 14.11
C2 HP8 C . -1.25 -6.15 13.29
N3 HP8 C . -1.79 -4.98 12.89
C4 HP8 C . -1.30 -3.79 13.31
C5 HP8 C . -0.22 -3.81 14.19
C6 HP8 C . 0.31 -5.05 14.58
N6 HP8 C . 1.35 -5.14 15.44
N7 HP8 C . 0.07 -2.51 14.45
C8 HP8 C . -0.81 -1.70 13.78
N9 HP8 C . -1.64 -2.49 13.06
O9 HP8 C . 0.10 1.29 12.39
C1' HP8 C . -2.76 -2.00 12.21
C1S HP8 C . 1.03 1.96 14.46
C2' HP8 C . -4.00 -2.00 13.10
O2' HP8 C . -5.10 -2.34 12.33
C21 HP8 C . 0.16 2.16 13.25
C2S HP8 C . 1.13 2.96 15.43
O2S HP8 C . 0.45 4.14 15.35
C3' HP8 C . -4.21 -0.56 13.52
O3' HP8 C . -5.58 -0.21 13.60
C3S HP8 C . 1.97 2.73 16.49
O3S HP8 C . 2.07 3.68 17.43
C4' HP8 C . -3.57 0.21 12.38
O4' HP8 C . -2.56 -0.63 11.89
C4S HP8 C . 2.73 1.61 16.65
C5' HP8 C . -2.95 1.44 12.89
O5' HP8 C . -2.45 2.17 11.77
C5S HP8 C . 2.62 0.64 15.68
C6S HP8 C . 1.78 0.82 14.57
NHS HP8 C . -0.55 3.28 13.16
OS1 HP8 C . -2.55 4.36 12.45
OS2 HP8 C . -0.86 3.79 10.80
CA CA D . 26.76 20.17 15.68
CA CA E . 23.06 -7.48 18.61
S HP8 F . -5.72 -9.30 -5.87
N1 HP8 F . -13.94 -5.44 -2.14
C2 HP8 F . -13.15 -5.66 -1.09
N3 HP8 F . -11.98 -6.29 -1.21
C4 HP8 F . -11.54 -6.71 -2.43
C5 HP8 F . -12.34 -6.48 -3.55
C6 HP8 F . -13.55 -5.84 -3.35
N6 HP8 F . -14.36 -5.60 -4.39
N7 HP8 F . -11.68 -6.98 -4.64
C8 HP8 F . -10.50 -7.50 -4.17
N9 HP8 F . -10.41 -7.33 -2.84
O9 HP8 F . -7.73 -7.43 -6.03
C1' HP8 F . -9.30 -7.75 -1.98
C1S HP8 F . -8.83 -8.29 -7.87
C2' HP8 F . -9.66 -9.04 -1.27
O2' HP8 F . -8.97 -9.06 -0.01
C21 HP8 F . -7.75 -8.30 -6.88
C2S HP8 F . -8.93 -9.24 -8.89
O2S HP8 F . -8.02 -10.28 -9.04
C3' HP8 F . -9.08 -10.13 -2.15
O3' HP8 F . -8.79 -11.28 -1.37
C3S HP8 F . -9.95 -9.09 -9.79
O3S HP8 F . -10.08 -9.98 -10.77
C4' HP8 F . -7.81 -9.45 -2.60
O4' HP8 F . -8.22 -8.09 -2.83
C4S HP8 F . -10.89 -8.08 -9.73
C5' HP8 F . -7.18 -10.05 -3.84
O5' HP8 F . -6.39 -9.03 -4.50
C5S HP8 F . -10.78 -7.17 -8.72
C6S HP8 F . -9.74 -7.25 -7.78
NHS HP8 F . -6.85 -9.28 -6.96
OS1 HP8 F . -5.14 -10.64 -5.79
OS2 HP8 F . -4.88 -8.23 -6.24
CA CA G . -1.80 1.90 -37.63
CA CA H . -21.74 8.61 -19.75
#